data_4LVF
#
_entry.id   4LVF
#
_cell.length_a   60.528
_cell.length_b   106.999
_cell.length_c   82.964
_cell.angle_alpha   90.00
_cell.angle_beta   96.63
_cell.angle_gamma   90.00
#
_symmetry.space_group_name_H-M   'P 1 21 1'
#
loop_
_entity.id
_entity.type
_entity.pdbx_description
1 polymer 'Nicotinamide phosphoribosyltransferase'
2 non-polymer (1S,2S)-2-phenyl-N-(pyridin-4-yl)cyclopropanecarboxamide
3 non-polymer 'PHOSPHATE ION'
4 non-polymer 1,2-ETHANEDIOL
5 water water
#
_entity_poly.entity_id   1
_entity_poly.type   'polypeptide(L)'
_entity_poly.pdbx_seq_one_letter_code
;MNPAAEAEFNILLATDSYKVTHYKQYPPNTSKVYSYFECREKKTENSKLRKVKYEETVFYGLQYILNKYLKGKVVTKEKI
QEAKDVYKEHFQDDVFNEKGWNYILEKYDGHLPIEIKAVPEGFVIPRGNVLFTVENTDPECYWLTNWIETILVQSWYPIT
VATNSREQKKILAKYLLETSGNLDGLEYKLHDFGYRGVSSQETAGIGASAHLVNFKGTDTVAGLALIKKYYGTKDPVPGY
SVPAAEHSTITAWGKDHEKDAFEHIVTQFSSVPVSVVSDSYDIYNACEKIWGEDLRHLIVSRSTQAPLIIRPDSGNPLDT
VLKVLEILGKKFPVTENSKGYKLLPPYLRVIQGDGVDINTLQEIVEGMKQKMWSIENIAFGSGGGLLQKLTRDLLNCSFK
CSYVVTNGLGINVFKDPVADPNKRSKKGRLSLHRTPAGNFVTLEEGKGDLEEYGQDLLHTVFKNGKVTKSYSFDEIRKNA
QLNIELEAAHHLEHHHHHHHH
;
_entity_poly.pdbx_strand_id   A,B
#
loop_
_chem_comp.id
_chem_comp.type
_chem_comp.name
_chem_comp.formula
20P non-polymer (1S,2S)-2-phenyl-N-(pyridin-4-yl)cyclopropanecarboxamide 'C15 H14 N2 O'
EDO non-polymer 1,2-ETHANEDIOL 'C2 H6 O2'
PO4 non-polymer 'PHOSPHATE ION' 'O4 P -3'
#
# COMPACT_ATOMS: atom_id res chain seq x y z
N GLU A 8 -14.67 0.60 15.86
CA GLU A 8 -14.35 1.94 16.34
C GLU A 8 -12.85 2.21 16.29
N PHE A 9 -12.45 3.15 15.44
CA PHE A 9 -11.07 3.60 15.41
C PHE A 9 -10.72 4.22 16.75
N ASN A 10 -9.55 3.86 17.28
CA ASN A 10 -9.11 4.34 18.57
C ASN A 10 -7.72 4.93 18.41
N ILE A 11 -7.63 6.25 18.49
CA ILE A 11 -6.34 6.93 18.28
C ILE A 11 -5.26 6.47 19.28
N LEU A 12 -5.70 5.96 20.43
CA LEU A 12 -4.76 5.47 21.43
C LEU A 12 -4.09 4.18 20.97
N LEU A 13 -4.68 3.52 19.98
CA LEU A 13 -4.14 2.29 19.42
C LEU A 13 -3.60 2.52 18.01
N ALA A 14 -3.47 3.78 17.63
CA ALA A 14 -3.06 4.10 16.25
C ALA A 14 -1.68 4.74 16.20
N THR A 15 -0.75 4.18 16.95
CA THR A 15 0.62 4.66 16.96
C THR A 15 1.56 3.46 16.94
N ASP A 16 2.83 3.69 16.63
CA ASP A 16 3.84 2.64 16.81
C ASP A 16 3.92 2.30 18.28
N SER A 17 4.00 1.01 18.60
CA SER A 17 4.00 0.57 20.00
C SER A 17 5.01 1.34 20.86
N TYR A 18 6.23 1.53 20.36
CA TYR A 18 7.24 2.17 21.21
C TYR A 18 6.86 3.57 21.67
N LYS A 19 6.04 4.26 20.88
CA LYS A 19 5.63 5.62 21.26
C LYS A 19 4.82 5.66 22.56
N VAL A 20 4.20 4.53 22.91
CA VAL A 20 3.49 4.41 24.18
C VAL A 20 4.43 4.67 25.36
N THR A 21 5.73 4.43 25.17
CA THR A 21 6.70 4.52 26.27
C THR A 21 7.49 5.83 26.28
N HIS A 22 7.23 6.70 25.31
CA HIS A 22 8.07 7.89 25.17
C HIS A 22 7.85 8.98 26.20
N TYR A 23 6.66 9.02 26.81
CA TYR A 23 6.38 10.03 27.82
C TYR A 23 7.32 9.94 29.00
N LYS A 24 7.93 8.77 29.19
CA LYS A 24 8.90 8.56 30.26
C LYS A 24 10.34 8.84 29.84
N GLN A 25 10.54 9.20 28.58
CA GLN A 25 11.90 9.31 28.02
C GLN A 25 12.40 10.72 27.73
N TYR A 26 11.46 11.64 27.50
CA TYR A 26 11.80 13.04 27.24
C TYR A 26 12.44 13.62 28.50
N PRO A 27 13.24 14.69 28.34
CA PRO A 27 13.83 15.33 29.52
C PRO A 27 12.73 15.77 30.50
N PRO A 28 12.95 15.56 31.81
CA PRO A 28 12.01 16.09 32.79
C PRO A 28 11.81 17.59 32.60
N ASN A 29 10.61 18.09 32.90
CA ASN A 29 10.33 19.52 32.81
C ASN A 29 10.25 20.01 31.38
N THR A 30 9.88 19.11 30.48
CA THR A 30 9.65 19.49 29.09
C THR A 30 8.19 19.86 28.88
N SER A 31 7.96 21.09 28.40
CA SER A 31 6.61 21.63 28.27
C SER A 31 6.18 21.74 26.80
N LYS A 32 7.14 21.65 25.89
CA LYS A 32 6.82 21.74 24.48
C LYS A 32 7.67 20.79 23.66
N VAL A 33 7.03 20.05 22.76
CA VAL A 33 7.71 19.31 21.70
C VAL A 33 7.12 19.79 20.38
N TYR A 34 7.98 20.29 19.51
CA TYR A 34 7.60 20.86 18.23
C TYR A 34 8.30 20.06 17.13
N SER A 35 7.51 19.58 16.17
CA SER A 35 8.04 18.71 15.13
C SER A 35 7.57 19.14 13.75
N TYR A 36 8.24 18.65 12.72
CA TYR A 36 7.93 19.09 11.37
C TYR A 36 8.05 17.93 10.38
N PHE A 37 7.36 18.09 9.25
CA PHE A 37 7.39 17.10 8.16
C PHE A 37 8.02 17.74 6.92
N GLU A 38 8.90 16.99 6.26
CA GLU A 38 9.48 17.43 5.00
C GLU A 38 9.65 16.22 4.08
N CYS A 39 9.82 16.48 2.80
CA CYS A 39 10.28 15.46 1.85
C CYS A 39 11.76 15.74 1.67
N ARG A 40 12.56 15.08 2.49
CA ARG A 40 13.97 15.43 2.68
C ARG A 40 14.74 15.36 1.37
N GLU A 41 15.63 16.32 1.16
CA GLU A 41 16.49 16.32 -0.02
C GLU A 41 17.45 15.13 0.08
N LYS A 42 17.81 14.57 -1.06
CA LYS A 42 18.81 13.49 -1.07
C LYS A 42 19.96 13.83 -2.02
N LYS A 53 15.42 14.37 -10.11
CA LYS A 53 14.37 13.40 -10.44
C LYS A 53 13.00 13.86 -9.95
N TYR A 54 12.74 13.70 -8.65
CA TYR A 54 11.53 14.22 -8.02
C TYR A 54 11.90 15.48 -7.22
N GLU A 55 12.17 16.57 -7.92
CA GLU A 55 12.68 17.77 -7.28
C GLU A 55 11.62 18.60 -6.57
N GLU A 56 10.35 18.36 -6.89
CA GLU A 56 9.27 19.10 -6.26
C GLU A 56 8.09 18.17 -5.98
N THR A 57 7.39 18.44 -4.88
CA THR A 57 6.33 17.55 -4.44
C THR A 57 4.99 18.27 -4.29
N VAL A 58 3.92 17.56 -4.61
CA VAL A 58 2.57 18.06 -4.41
C VAL A 58 2.14 17.76 -2.97
N PHE A 59 1.85 18.80 -2.20
CA PHE A 59 1.34 18.57 -0.85
C PHE A 59 -0.15 18.27 -0.88
N TYR A 60 -0.52 17.04 -0.55
CA TYR A 60 -1.91 16.63 -0.62
C TYR A 60 -2.20 15.49 0.35
N GLY A 61 -3.34 15.58 1.03
CA GLY A 61 -3.83 14.45 1.80
C GLY A 61 -3.99 14.65 3.30
N LEU A 62 -3.39 15.71 3.83
CA LEU A 62 -3.45 15.96 5.28
C LEU A 62 -4.88 16.20 5.75
N GLN A 63 -5.66 16.94 4.95
CA GLN A 63 -7.04 17.27 5.29
C GLN A 63 -7.89 16.03 5.54
N TYR A 64 -7.68 15.01 4.71
CA TYR A 64 -8.32 13.70 4.92
C TYR A 64 -8.01 13.16 6.32
N ILE A 65 -6.73 13.13 6.68
CA ILE A 65 -6.28 12.60 7.97
C ILE A 65 -6.84 13.41 9.14
N LEU A 66 -6.79 14.74 9.03
CA LEU A 66 -7.30 15.60 10.09
C LEU A 66 -8.77 15.32 10.38
N ASN A 67 -9.57 15.24 9.32
CA ASN A 67 -11.01 15.04 9.49
C ASN A 67 -11.41 13.63 9.91
N LYS A 68 -10.81 12.62 9.28
CA LYS A 68 -11.19 11.25 9.55
C LYS A 68 -10.72 10.75 10.92
N TYR A 69 -9.55 11.20 11.35
CA TYR A 69 -8.91 10.59 12.52
C TYR A 69 -8.58 11.50 13.68
N LEU A 70 -8.36 12.79 13.42
CA LEU A 70 -7.81 13.65 14.48
C LEU A 70 -8.79 14.63 15.12
N LYS A 71 -9.83 15.01 14.40
CA LYS A 71 -10.71 16.07 14.90
C LYS A 71 -11.80 15.60 15.86
N GLY A 72 -12.27 16.51 16.70
CA GLY A 72 -13.40 16.21 17.58
C GLY A 72 -13.02 15.42 18.81
N LYS A 73 -14.00 14.72 19.38
CA LYS A 73 -13.77 13.94 20.60
C LYS A 73 -13.20 12.58 20.22
N VAL A 74 -11.87 12.47 20.28
CA VAL A 74 -11.19 11.25 19.86
C VAL A 74 -10.75 10.41 21.05
N VAL A 75 -10.95 10.92 22.25
CA VAL A 75 -10.66 10.18 23.47
C VAL A 75 -11.95 9.97 24.27
N THR A 76 -12.18 8.75 24.73
CA THR A 76 -13.29 8.43 25.62
C THR A 76 -12.79 7.52 26.73
N LYS A 77 -13.56 7.40 27.81
CA LYS A 77 -13.19 6.51 28.90
C LYS A 77 -13.00 5.10 28.41
N GLU A 78 -13.89 4.67 27.52
CA GLU A 78 -13.84 3.32 26.96
C GLU A 78 -12.58 3.10 26.11
N LYS A 79 -12.19 4.11 25.32
CA LYS A 79 -11.00 3.99 24.50
C LYS A 79 -9.72 3.92 25.36
N ILE A 80 -9.73 4.64 26.47
CA ILE A 80 -8.59 4.61 27.38
C ILE A 80 -8.45 3.24 28.02
N GLN A 81 -9.57 2.68 28.49
CA GLN A 81 -9.55 1.35 29.10
C GLN A 81 -9.14 0.29 28.08
N GLU A 82 -9.64 0.41 26.85
CA GLU A 82 -9.30 -0.54 25.79
C GLU A 82 -7.79 -0.53 25.55
N ALA A 83 -7.21 0.65 25.42
CA ALA A 83 -5.77 0.75 25.19
C ALA A 83 -4.99 0.21 26.40
N LYS A 84 -5.45 0.54 27.60
CA LYS A 84 -4.78 0.04 28.80
C LYS A 84 -4.72 -1.50 28.77
N ASP A 85 -5.83 -2.12 28.40
CA ASP A 85 -5.93 -3.58 28.38
C ASP A 85 -5.04 -4.20 27.31
N VAL A 86 -5.02 -3.61 26.12
CA VAL A 86 -4.22 -4.12 25.02
C VAL A 86 -2.73 -4.00 25.34
N TYR A 87 -2.32 -2.83 25.80
CA TYR A 87 -0.90 -2.60 26.05
C TYR A 87 -0.32 -3.43 27.18
N LYS A 88 -1.14 -3.71 28.19
CA LYS A 88 -0.70 -4.60 29.27
C LYS A 88 -0.27 -5.96 28.74
N GLU A 89 -1.03 -6.51 27.79
CA GLU A 89 -0.68 -7.79 27.21
C GLU A 89 0.44 -7.67 26.16
N HIS A 90 0.38 -6.59 25.38
CA HIS A 90 1.32 -6.38 24.28
C HIS A 90 2.75 -6.16 24.80
N PHE A 91 2.88 -5.44 25.92
CA PHE A 91 4.19 -5.20 26.52
C PHE A 91 4.52 -6.16 27.66
N GLN A 92 3.53 -6.95 28.08
CA GLN A 92 3.67 -7.78 29.28
C GLN A 92 4.12 -6.93 30.46
N ASP A 93 3.58 -5.72 30.53
CA ASP A 93 4.03 -4.71 31.48
C ASP A 93 3.06 -3.53 31.47
N ASP A 94 3.00 -2.81 32.58
CA ASP A 94 2.20 -1.59 32.69
C ASP A 94 3.07 -0.40 32.35
N VAL A 95 2.99 0.07 31.12
CA VAL A 95 3.80 1.22 30.72
C VAL A 95 2.97 2.36 30.10
N PHE A 96 1.70 2.08 29.85
CA PHE A 96 0.77 3.04 29.23
C PHE A 96 0.43 4.30 30.08
N ASN A 97 0.45 5.47 29.44
CA ASN A 97 0.21 6.77 30.08
C ASN A 97 -1.27 7.06 30.27
N GLU A 98 -1.93 6.29 31.12
CA GLU A 98 -3.35 6.47 31.39
C GLU A 98 -3.66 7.87 31.90
N LYS A 99 -2.83 8.36 32.81
CA LYS A 99 -3.01 9.67 33.39
C LYS A 99 -3.00 10.80 32.33
N GLY A 100 -2.06 10.72 31.40
CA GLY A 100 -1.97 11.72 30.34
C GLY A 100 -3.19 11.76 29.42
N TRP A 101 -3.71 10.58 29.08
CA TRP A 101 -4.88 10.53 28.22
C TRP A 101 -6.13 10.96 28.97
N ASN A 102 -6.21 10.61 30.25
CA ASN A 102 -7.33 11.04 31.07
C ASN A 102 -7.40 12.55 31.23
N TYR A 103 -6.24 13.18 31.31
CA TYR A 103 -6.15 14.64 31.36
C TYR A 103 -6.80 15.26 30.12
N ILE A 104 -6.48 14.74 28.95
CA ILE A 104 -7.09 15.24 27.72
C ILE A 104 -8.62 15.04 27.72
N LEU A 105 -9.07 13.87 28.17
CA LEU A 105 -10.50 13.59 28.29
C LEU A 105 -11.21 14.59 29.20
N GLU A 106 -10.64 14.82 30.39
CA GLU A 106 -11.29 15.66 31.37
C GLU A 106 -11.21 17.15 31.06
N LYS A 107 -10.06 17.59 30.58
CA LYS A 107 -9.82 19.02 30.39
C LYS A 107 -10.36 19.54 29.07
N TYR A 108 -10.26 18.73 28.02
CA TYR A 108 -10.56 19.17 26.67
C TYR A 108 -11.70 18.40 26.01
N ASP A 109 -12.50 17.72 26.84
CA ASP A 109 -13.56 16.84 26.34
C ASP A 109 -13.04 15.91 25.24
N GLY A 110 -11.84 15.39 25.44
CA GLY A 110 -11.26 14.42 24.54
C GLY A 110 -10.79 14.96 23.20
N HIS A 111 -10.68 16.29 23.08
CA HIS A 111 -10.11 16.93 21.90
C HIS A 111 -8.60 17.10 22.06
N LEU A 112 -7.84 16.87 20.98
CA LEU A 112 -6.38 16.89 21.07
C LEU A 112 -5.80 18.30 21.17
N PRO A 113 -5.07 18.59 22.26
CA PRO A 113 -4.44 19.92 22.40
C PRO A 113 -3.16 20.01 21.57
N ILE A 114 -3.37 20.14 20.26
CA ILE A 114 -2.32 20.15 19.25
C ILE A 114 -2.62 21.27 18.27
N GLU A 115 -1.57 21.93 17.78
CA GLU A 115 -1.75 22.86 16.67
C GLU A 115 -0.90 22.40 15.49
N ILE A 116 -1.53 22.31 14.32
CA ILE A 116 -0.84 21.92 13.10
C ILE A 116 -0.91 23.05 12.09
N LYS A 117 0.25 23.44 11.56
CA LYS A 117 0.30 24.47 10.52
C LYS A 117 0.82 23.83 9.26
N ALA A 118 0.23 24.14 8.11
CA ALA A 118 0.58 23.45 6.87
C ALA A 118 0.57 24.39 5.66
N VAL A 119 1.37 24.05 4.66
CA VAL A 119 1.33 24.74 3.36
C VAL A 119 -0.01 24.34 2.71
N PRO A 120 -0.61 25.24 1.91
CA PRO A 120 -1.92 24.88 1.34
C PRO A 120 -1.88 23.63 0.46
N GLU A 121 -2.94 22.83 0.52
CA GLU A 121 -2.94 21.60 -0.28
C GLU A 121 -2.97 21.90 -1.77
N GLY A 122 -2.22 21.09 -2.51
CA GLY A 122 -2.07 21.33 -3.93
C GLY A 122 -0.79 22.10 -4.22
N PHE A 123 -0.25 22.79 -3.22
CA PHE A 123 1.01 23.49 -3.44
C PHE A 123 2.14 22.56 -3.88
N VAL A 124 2.94 23.07 -4.80
CA VAL A 124 4.06 22.33 -5.37
C VAL A 124 5.35 22.94 -4.83
N ILE A 125 6.05 22.17 -4.00
CA ILE A 125 7.13 22.69 -3.18
C ILE A 125 8.41 21.88 -3.42
N PRO A 126 9.55 22.55 -3.61
CA PRO A 126 10.81 21.82 -3.78
C PRO A 126 11.15 20.96 -2.56
N ARG A 127 11.88 19.88 -2.80
CA ARG A 127 12.36 19.01 -1.75
C ARG A 127 13.11 19.78 -0.67
N GLY A 128 13.02 19.29 0.56
CA GLY A 128 13.80 19.83 1.65
C GLY A 128 13.19 21.06 2.31
N ASN A 129 11.89 21.25 2.13
CA ASN A 129 11.17 22.34 2.76
C ASN A 129 10.15 21.85 3.78
N VAL A 130 9.96 22.62 4.84
CA VAL A 130 8.89 22.31 5.78
C VAL A 130 7.53 22.35 5.07
N LEU A 131 6.74 21.29 5.23
CA LEU A 131 5.40 21.22 4.66
C LEU A 131 4.33 21.34 5.72
N PHE A 132 4.57 20.77 6.90
CA PHE A 132 3.72 21.05 8.05
C PHE A 132 4.48 20.93 9.37
N THR A 133 3.95 21.58 10.40
CA THR A 133 4.52 21.50 11.74
C THR A 133 3.43 21.11 12.73
N VAL A 134 3.86 20.53 13.85
CA VAL A 134 2.95 20.03 14.87
C VAL A 134 3.53 20.40 16.22
N GLU A 135 2.69 20.91 17.11
CA GLU A 135 3.14 21.20 18.47
C GLU A 135 1.97 21.08 19.44
N ASN A 136 2.29 20.77 20.69
CA ASN A 136 1.28 20.71 21.73
C ASN A 136 0.92 22.13 22.20
N THR A 137 -0.35 22.31 22.59
CA THR A 137 -0.81 23.62 23.04
C THR A 137 -0.96 23.69 24.56
N ASP A 138 -0.75 22.55 25.22
CA ASP A 138 -0.85 22.46 26.68
C ASP A 138 0.44 21.78 27.14
N PRO A 139 1.15 22.38 28.11
CA PRO A 139 2.43 21.81 28.57
C PRO A 139 2.34 20.37 29.08
N GLU A 140 1.19 19.98 29.61
CA GLU A 140 1.01 18.60 30.06
C GLU A 140 1.07 17.58 28.93
N CYS A 141 0.86 18.04 27.71
CA CYS A 141 0.72 17.15 26.57
C CYS A 141 1.94 17.21 25.64
N TYR A 142 3.10 17.49 26.21
CA TYR A 142 4.37 17.48 25.48
C TYR A 142 4.55 16.18 24.69
N TRP A 143 4.04 15.08 25.23
CA TRP A 143 4.22 13.74 24.66
C TRP A 143 3.30 13.48 23.46
N LEU A 144 2.30 14.33 23.29
CA LEU A 144 1.27 14.08 22.27
C LEU A 144 1.74 14.41 20.86
N THR A 145 2.62 15.40 20.74
CA THR A 145 3.15 15.81 19.44
C THR A 145 3.66 14.64 18.63
N ASN A 146 4.49 13.80 19.25
CA ASN A 146 5.06 12.68 18.51
C ASN A 146 4.26 11.38 18.60
N TRP A 147 3.27 11.35 19.51
CA TRP A 147 2.31 10.24 19.50
C TRP A 147 1.69 10.11 18.12
N ILE A 148 1.33 11.24 17.55
CA ILE A 148 0.60 11.25 16.28
C ILE A 148 1.51 11.31 15.05
N GLU A 149 2.82 11.16 15.26
CA GLU A 149 3.73 11.04 14.11
C GLU A 149 3.29 9.96 13.13
N THR A 150 2.99 8.77 13.65
CA THR A 150 2.74 7.61 12.80
C THR A 150 1.58 7.87 11.86
N ILE A 151 0.48 8.40 12.40
CA ILE A 151 -0.69 8.62 11.57
C ILE A 151 -0.50 9.79 10.59
N LEU A 152 0.23 10.83 11.02
CA LEU A 152 0.46 11.97 10.13
C LEU A 152 1.46 11.64 9.01
N VAL A 153 2.45 10.81 9.31
CA VAL A 153 3.47 10.44 8.32
C VAL A 153 2.87 9.65 7.16
N GLN A 154 1.72 9.01 7.39
CA GLN A 154 1.03 8.31 6.31
C GLN A 154 0.58 9.27 5.20
N SER A 155 0.68 10.57 5.44
CA SER A 155 0.48 11.54 4.38
C SER A 155 1.52 11.36 3.25
N TRP A 156 2.61 10.64 3.52
CA TRP A 156 3.60 10.34 2.48
C TRP A 156 2.90 9.74 1.25
N TYR A 157 1.88 8.93 1.49
CA TYR A 157 1.26 8.18 0.41
C TYR A 157 0.51 9.09 -0.59
N PRO A 158 -0.50 9.86 -0.14
CA PRO A 158 -1.13 10.75 -1.12
C PRO A 158 -0.15 11.79 -1.69
N ILE A 159 0.82 12.25 -0.91
CA ILE A 159 1.81 13.18 -1.46
C ILE A 159 2.57 12.51 -2.61
N THR A 160 3.01 11.27 -2.38
CA THR A 160 3.82 10.57 -3.37
C THR A 160 3.03 10.15 -4.61
N VAL A 161 1.80 9.66 -4.42
CA VAL A 161 0.95 9.37 -5.58
C VAL A 161 0.71 10.63 -6.41
N ALA A 162 0.33 11.72 -5.75
CA ALA A 162 0.05 12.96 -6.47
C ALA A 162 1.28 13.48 -7.22
N THR A 163 2.43 13.38 -6.57
CA THR A 163 3.68 13.85 -7.14
C THR A 163 4.11 13.01 -8.34
N ASN A 164 4.03 11.69 -8.18
CA ASN A 164 4.44 10.79 -9.26
C ASN A 164 3.46 10.85 -10.44
N SER A 165 2.18 11.03 -10.14
CA SER A 165 1.17 11.22 -11.17
C SER A 165 1.45 12.52 -11.94
N ARG A 166 1.80 13.57 -11.21
CA ARG A 166 2.09 14.87 -11.83
C ARG A 166 3.34 14.81 -12.71
N GLU A 167 4.34 14.05 -12.26
CA GLU A 167 5.57 13.90 -13.07
C GLU A 167 5.28 13.18 -14.39
N GLN A 168 4.36 12.21 -14.34
CA GLN A 168 3.94 11.55 -15.58
C GLN A 168 3.16 12.51 -16.47
N LYS A 169 2.36 13.38 -15.87
CA LYS A 169 1.66 14.41 -16.62
C LYS A 169 2.65 15.33 -17.35
N LYS A 170 3.77 15.66 -16.72
CA LYS A 170 4.80 16.49 -17.37
C LYS A 170 5.35 15.82 -18.62
N ILE A 171 5.65 14.53 -18.51
CA ILE A 171 6.13 13.75 -19.66
C ILE A 171 5.09 13.75 -20.77
N LEU A 172 3.84 13.44 -20.43
CA LEU A 172 2.78 13.42 -21.43
C LEU A 172 2.60 14.78 -22.08
N ALA A 173 2.65 15.84 -21.27
CA ALA A 173 2.45 17.19 -21.82
C ALA A 173 3.57 17.56 -22.80
N LYS A 174 4.80 17.23 -22.44
CA LYS A 174 5.95 17.52 -23.31
C LYS A 174 5.78 16.86 -24.67
N TYR A 175 5.47 15.57 -24.68
CA TYR A 175 5.39 14.81 -25.93
C TYR A 175 4.11 15.11 -26.72
N LEU A 176 3.02 15.37 -26.03
CA LEU A 176 1.78 15.75 -26.70
C LEU A 176 1.97 17.11 -27.38
N LEU A 177 2.62 18.04 -26.70
CA LEU A 177 2.85 19.36 -27.28
C LEU A 177 3.76 19.24 -28.50
N GLU A 178 4.82 18.44 -28.36
CA GLU A 178 5.79 18.28 -29.43
C GLU A 178 5.17 17.64 -30.67
N THR A 179 4.37 16.59 -30.46
CA THR A 179 3.83 15.85 -31.59
C THR A 179 2.50 16.37 -32.14
N SER A 180 1.83 17.26 -31.41
CA SER A 180 0.50 17.72 -31.84
C SER A 180 0.33 19.23 -31.86
N GLY A 181 1.15 19.94 -31.11
CA GLY A 181 1.07 21.39 -31.04
C GLY A 181 0.13 21.94 -29.98
N ASN A 182 -0.51 21.05 -29.21
CA ASN A 182 -1.37 21.51 -28.14
C ASN A 182 -1.47 20.47 -27.04
N LEU A 183 -2.27 20.75 -26.01
CA LEU A 183 -2.41 19.86 -24.87
C LEU A 183 -3.83 19.34 -24.72
N ASP A 184 -4.59 19.37 -25.80
CA ASP A 184 -5.97 18.89 -25.77
C ASP A 184 -6.02 17.43 -25.30
N GLY A 185 -6.84 17.17 -24.31
CA GLY A 185 -7.03 15.81 -23.82
C GLY A 185 -5.98 15.30 -22.85
N LEU A 186 -5.01 16.15 -22.51
CA LEU A 186 -3.94 15.78 -21.57
C LEU A 186 -4.48 15.18 -20.28
N GLU A 187 -5.56 15.76 -19.75
CA GLU A 187 -6.08 15.34 -18.46
C GLU A 187 -6.77 13.97 -18.49
N TYR A 188 -6.88 13.40 -19.69
CA TYR A 188 -7.45 12.06 -19.84
C TYR A 188 -6.41 11.04 -20.30
N LYS A 189 -5.14 11.45 -20.37
CA LYS A 189 -4.11 10.59 -20.96
C LYS A 189 -3.53 9.51 -20.05
N LEU A 190 -3.74 9.64 -18.74
CA LEU A 190 -3.28 8.63 -17.79
C LEU A 190 -4.44 8.22 -16.89
N HIS A 191 -4.95 7.01 -17.10
CA HIS A 191 -6.14 6.54 -16.42
C HIS A 191 -5.76 5.57 -15.30
N ASP A 192 -6.40 5.74 -14.15
CA ASP A 192 -6.16 4.90 -12.97
C ASP A 192 -6.86 3.54 -13.13
N PHE A 193 -6.06 2.47 -13.26
CA PHE A 193 -6.53 1.09 -13.30
C PHE A 193 -6.17 0.33 -12.00
N GLY A 194 -5.84 1.06 -10.95
CA GLY A 194 -5.17 0.45 -9.80
C GLY A 194 -5.96 -0.16 -8.65
N TYR A 195 -7.29 -0.20 -8.75
CA TYR A 195 -8.13 -0.63 -7.63
C TYR A 195 -7.76 -2.04 -7.12
N ARG A 196 -7.60 -2.99 -8.02
CA ARG A 196 -7.29 -4.36 -7.60
C ARG A 196 -5.87 -4.54 -7.10
N GLY A 197 -4.98 -3.62 -7.49
CA GLY A 197 -3.56 -3.76 -7.26
C GLY A 197 -3.00 -3.01 -6.06
N VAL A 198 -3.87 -2.37 -5.31
CA VAL A 198 -3.45 -1.73 -4.06
C VAL A 198 -3.73 -2.64 -2.86
N SER A 199 -3.26 -2.22 -1.70
CA SER A 199 -3.24 -3.10 -0.53
C SER A 199 -4.53 -3.12 0.30
N SER A 200 -5.42 -2.17 0.07
CA SER A 200 -6.68 -2.12 0.81
C SER A 200 -7.70 -1.22 0.15
N GLN A 201 -8.95 -1.34 0.59
CA GLN A 201 -10.00 -0.41 0.18
C GLN A 201 -9.65 1.02 0.56
N GLU A 202 -9.14 1.24 1.77
CA GLU A 202 -8.84 2.61 2.19
C GLU A 202 -7.75 3.20 1.30
N THR A 203 -6.71 2.41 1.05
CA THR A 203 -5.63 2.88 0.19
C THR A 203 -6.14 3.21 -1.21
N ALA A 204 -7.05 2.39 -1.72
CA ALA A 204 -7.65 2.66 -3.03
C ALA A 204 -8.27 4.06 -3.13
N GLY A 205 -9.03 4.45 -2.11
CA GLY A 205 -9.69 5.75 -2.13
C GLY A 205 -8.68 6.89 -2.04
N ILE A 206 -7.74 6.76 -1.12
CA ILE A 206 -6.70 7.77 -0.95
C ILE A 206 -5.87 7.95 -2.22
N GLY A 207 -5.34 6.84 -2.73
CA GLY A 207 -4.49 6.88 -3.90
C GLY A 207 -5.20 7.40 -5.13
N ALA A 208 -6.42 6.89 -5.38
CA ALA A 208 -7.19 7.35 -6.52
C ALA A 208 -7.44 8.86 -6.41
N SER A 209 -7.74 9.33 -5.21
CA SER A 209 -7.99 10.77 -5.05
C SER A 209 -6.73 11.60 -5.38
N ALA A 210 -5.56 11.07 -5.05
CA ALA A 210 -4.30 11.78 -5.31
C ALA A 210 -4.00 11.87 -6.80
N HIS A 211 -4.29 10.79 -7.53
CA HIS A 211 -4.14 10.82 -8.98
C HIS A 211 -5.06 11.87 -9.61
N LEU A 212 -6.27 11.99 -9.08
CA LEU A 212 -7.26 12.95 -9.59
C LEU A 212 -6.89 14.42 -9.36
N VAL A 213 -5.86 14.67 -8.55
CA VAL A 213 -5.29 16.01 -8.47
C VAL A 213 -4.79 16.47 -9.85
N ASN A 214 -4.34 15.50 -10.66
CA ASN A 214 -3.68 15.79 -11.93
C ASN A 214 -4.47 15.41 -13.17
N PHE A 215 -5.32 14.41 -13.05
CA PHE A 215 -6.03 13.84 -14.19
C PHE A 215 -7.52 13.67 -13.87
N LYS A 216 -8.32 13.39 -14.89
CA LYS A 216 -9.75 13.21 -14.70
C LYS A 216 -10.28 11.81 -14.96
N GLY A 217 -9.41 10.88 -15.33
CA GLY A 217 -9.83 9.53 -15.66
C GLY A 217 -9.46 8.49 -14.61
N THR A 218 -10.46 7.78 -14.12
CA THR A 218 -10.22 6.75 -13.12
C THR A 218 -11.26 5.64 -13.19
N ASP A 219 -10.83 4.41 -12.93
CA ASP A 219 -11.76 3.31 -12.69
C ASP A 219 -11.77 2.93 -11.21
N THR A 220 -10.97 3.64 -10.42
CA THR A 220 -10.93 3.35 -8.99
C THR A 220 -12.01 4.18 -8.29
N VAL A 221 -13.23 3.64 -8.30
CA VAL A 221 -14.44 4.35 -7.87
C VAL A 221 -14.33 4.91 -6.44
N ALA A 222 -13.58 4.21 -5.60
CA ALA A 222 -13.40 4.63 -4.21
C ALA A 222 -12.89 6.07 -4.08
N GLY A 223 -12.12 6.53 -5.05
CA GLY A 223 -11.60 7.89 -5.01
C GLY A 223 -12.67 8.97 -5.04
N LEU A 224 -13.77 8.70 -5.74
CA LEU A 224 -14.85 9.69 -5.86
C LEU A 224 -15.48 10.02 -4.51
N ALA A 225 -15.79 8.98 -3.74
CA ALA A 225 -16.44 9.16 -2.44
C ALA A 225 -15.55 9.90 -1.47
N LEU A 226 -14.26 9.62 -1.50
CA LEU A 226 -13.32 10.28 -0.59
C LEU A 226 -13.31 11.77 -0.88
N ILE A 227 -13.16 12.14 -2.16
CA ILE A 227 -13.16 13.54 -2.54
C ILE A 227 -14.46 14.24 -2.16
N LYS A 228 -15.59 13.61 -2.44
CA LYS A 228 -16.88 14.19 -2.08
C LYS A 228 -17.00 14.47 -0.58
N LYS A 229 -16.51 13.53 0.22
CA LYS A 229 -16.67 13.65 1.67
C LYS A 229 -15.71 14.65 2.33
N TYR A 230 -14.47 14.67 1.87
CA TYR A 230 -13.42 15.41 2.58
C TYR A 230 -12.92 16.68 1.90
N TYR A 231 -13.23 16.84 0.62
CA TYR A 231 -12.68 17.97 -0.13
C TYR A 231 -13.74 18.77 -0.90
N GLY A 232 -14.47 18.08 -1.77
CA GLY A 232 -15.56 18.69 -2.50
C GLY A 232 -15.16 19.27 -3.84
N THR A 233 -16.05 19.15 -4.82
CA THR A 233 -15.84 19.80 -6.11
C THR A 233 -17.13 20.46 -6.59
N LYS A 234 -16.98 21.50 -7.40
CA LYS A 234 -18.15 22.17 -7.95
C LYS A 234 -18.92 21.24 -8.90
N ASP A 235 -18.20 20.48 -9.71
CA ASP A 235 -18.84 19.49 -10.57
C ASP A 235 -19.35 18.29 -9.75
N PRO A 236 -20.37 17.57 -10.25
CA PRO A 236 -20.88 16.41 -9.51
C PRO A 236 -19.82 15.37 -9.14
N VAL A 237 -18.91 15.05 -10.05
CA VAL A 237 -17.81 14.12 -9.74
C VAL A 237 -16.46 14.61 -10.25
N PRO A 238 -15.38 14.20 -9.57
CA PRO A 238 -14.03 14.62 -9.97
C PRO A 238 -13.40 13.77 -11.07
N GLY A 239 -13.94 12.58 -11.30
CA GLY A 239 -13.36 11.67 -12.26
C GLY A 239 -14.39 10.88 -13.05
N TYR A 240 -13.97 10.40 -14.23
CA TYR A 240 -14.87 9.83 -15.22
C TYR A 240 -14.30 8.56 -15.84
N SER A 241 -15.19 7.76 -16.41
CA SER A 241 -14.74 6.58 -17.15
C SER A 241 -15.66 6.33 -18.33
N VAL A 242 -15.35 5.28 -19.08
CA VAL A 242 -16.13 4.86 -20.24
C VAL A 242 -16.31 3.35 -20.22
N PRO A 243 -17.32 2.82 -20.95
CA PRO A 243 -17.47 1.36 -20.98
C PRO A 243 -16.26 0.66 -21.57
N ALA A 244 -15.97 -0.52 -21.09
CA ALA A 244 -14.79 -1.24 -21.53
C ALA A 244 -14.94 -2.73 -21.24
N ALA A 245 -14.34 -3.55 -22.10
CA ALA A 245 -14.32 -5.00 -21.90
C ALA A 245 -13.20 -5.43 -20.98
N GLU A 246 -13.35 -6.62 -20.38
CA GLU A 246 -12.23 -7.29 -19.74
C GLU A 246 -12.10 -8.63 -20.44
N HIS A 247 -11.03 -9.37 -20.13
CA HIS A 247 -10.84 -10.64 -20.83
C HIS A 247 -12.04 -11.57 -20.67
N SER A 248 -12.65 -11.60 -19.50
CA SER A 248 -13.80 -12.50 -19.30
C SER A 248 -14.96 -12.22 -20.25
N THR A 249 -15.22 -10.95 -20.59
CA THR A 249 -16.36 -10.67 -21.47
C THR A 249 -16.05 -10.96 -22.94
N ILE A 250 -14.77 -11.18 -23.25
CA ILE A 250 -14.37 -11.69 -24.56
C ILE A 250 -14.29 -13.22 -24.55
N THR A 251 -13.52 -13.76 -23.61
CA THR A 251 -13.25 -15.20 -23.61
C THR A 251 -14.49 -16.05 -23.32
N ALA A 252 -15.46 -15.48 -22.62
CA ALA A 252 -16.72 -16.18 -22.34
C ALA A 252 -17.44 -16.65 -23.59
N TRP A 253 -17.18 -16.01 -24.72
CA TRP A 253 -17.82 -16.37 -25.99
C TRP A 253 -17.22 -17.63 -26.62
N GLY A 254 -16.05 -18.04 -26.14
CA GLY A 254 -15.35 -19.17 -26.71
C GLY A 254 -14.28 -18.70 -27.66
N LYS A 255 -13.18 -19.45 -27.72
CA LYS A 255 -12.02 -19.09 -28.54
C LYS A 255 -12.38 -18.77 -30.00
N ASP A 256 -13.27 -19.57 -30.59
CA ASP A 256 -13.61 -19.40 -31.99
C ASP A 256 -14.56 -18.23 -32.24
N HIS A 257 -14.94 -17.54 -31.17
CA HIS A 257 -15.96 -16.50 -31.29
C HIS A 257 -15.53 -15.12 -30.81
N GLU A 258 -14.22 -14.86 -30.85
CA GLU A 258 -13.71 -13.56 -30.48
C GLU A 258 -14.37 -12.44 -31.30
N LYS A 259 -14.53 -12.67 -32.60
CA LYS A 259 -15.14 -11.69 -33.48
C LYS A 259 -16.58 -11.40 -33.05
N ASP A 260 -17.32 -12.44 -32.68
CA ASP A 260 -18.68 -12.26 -32.20
C ASP A 260 -18.72 -11.41 -30.92
N ALA A 261 -17.75 -11.61 -30.03
CA ALA A 261 -17.69 -10.82 -28.80
C ALA A 261 -17.44 -9.35 -29.14
N PHE A 262 -16.44 -9.10 -29.97
CA PHE A 262 -16.11 -7.74 -30.40
C PHE A 262 -17.33 -7.05 -31.00
N GLU A 263 -18.00 -7.74 -31.92
CA GLU A 263 -19.14 -7.17 -32.60
C GLU A 263 -20.26 -6.82 -31.63
N HIS A 264 -20.54 -7.75 -30.72
CA HIS A 264 -21.58 -7.54 -29.72
C HIS A 264 -21.27 -6.32 -28.87
N ILE A 265 -20.04 -6.22 -28.41
CA ILE A 265 -19.64 -5.16 -27.49
C ILE A 265 -19.66 -3.78 -28.15
N VAL A 266 -19.11 -3.65 -29.35
CA VAL A 266 -19.10 -2.33 -29.99
C VAL A 266 -20.50 -1.90 -30.41
N THR A 267 -21.37 -2.88 -30.65
CA THR A 267 -22.75 -2.58 -31.01
C THR A 267 -23.57 -2.17 -29.78
N GLN A 268 -23.32 -2.83 -28.66
CA GLN A 268 -23.94 -2.43 -27.39
C GLN A 268 -23.56 -1.00 -27.00
N PHE A 269 -22.32 -0.64 -27.28
CA PHE A 269 -21.82 0.70 -26.94
C PHE A 269 -21.44 1.46 -28.21
N SER A 270 -22.43 1.68 -29.07
CA SER A 270 -22.18 2.25 -30.39
C SER A 270 -22.07 3.77 -30.40
N SER A 271 -22.60 4.43 -29.37
CA SER A 271 -22.65 5.89 -29.37
C SER A 271 -21.84 6.53 -28.24
N VAL A 272 -21.04 5.72 -27.56
CA VAL A 272 -20.11 6.22 -26.54
C VAL A 272 -18.73 5.63 -26.83
N PRO A 273 -17.66 6.23 -26.26
CA PRO A 273 -16.36 5.58 -26.42
C PRO A 273 -16.39 4.19 -25.79
N VAL A 274 -15.70 3.24 -26.39
CA VAL A 274 -15.62 1.93 -25.79
C VAL A 274 -14.22 1.35 -25.95
N SER A 275 -13.67 0.85 -24.85
CA SER A 275 -12.37 0.21 -24.86
C SER A 275 -12.54 -1.31 -24.95
N VAL A 276 -11.84 -1.93 -25.89
CA VAL A 276 -11.97 -3.38 -26.07
C VAL A 276 -10.62 -4.10 -26.05
N VAL A 277 -10.41 -4.88 -25.00
CA VAL A 277 -9.17 -5.62 -24.84
C VAL A 277 -9.04 -6.64 -25.99
N SER A 278 -7.90 -6.63 -26.65
CA SER A 278 -7.80 -7.29 -27.95
C SER A 278 -6.72 -8.34 -28.03
N ASP A 279 -6.12 -8.68 -26.88
CA ASP A 279 -4.99 -9.61 -26.86
C ASP A 279 -5.30 -10.97 -26.25
N SER A 280 -6.58 -11.32 -26.11
CA SER A 280 -6.94 -12.59 -25.45
C SER A 280 -6.23 -13.80 -26.05
N TYR A 281 -6.08 -13.79 -27.37
CA TYR A 281 -5.42 -14.89 -28.09
C TYR A 281 -4.28 -14.43 -28.98
N ASP A 282 -4.53 -13.37 -29.75
CA ASP A 282 -3.52 -12.87 -30.70
C ASP A 282 -3.87 -11.43 -31.05
N ILE A 283 -3.24 -10.51 -30.35
CA ILE A 283 -3.44 -9.07 -30.53
C ILE A 283 -3.24 -8.63 -31.97
N TYR A 284 -2.25 -9.20 -32.65
CA TYR A 284 -1.92 -8.77 -34.00
C TYR A 284 -2.96 -9.25 -35.01
N ASN A 285 -3.43 -10.48 -34.85
CA ASN A 285 -4.56 -10.98 -35.63
C ASN A 285 -5.81 -10.15 -35.37
N ALA A 286 -6.07 -9.83 -34.10
CA ALA A 286 -7.27 -9.07 -33.74
C ALA A 286 -7.27 -7.71 -34.43
N CYS A 287 -6.11 -7.05 -34.43
CA CYS A 287 -6.02 -5.74 -35.06
C CYS A 287 -6.10 -5.81 -36.58
N GLU A 288 -5.35 -6.73 -37.18
CA GLU A 288 -5.25 -6.73 -38.64
C GLU A 288 -6.47 -7.36 -39.30
N LYS A 289 -6.93 -8.48 -38.76
CA LYS A 289 -7.97 -9.26 -39.41
C LYS A 289 -9.35 -9.00 -38.84
N ILE A 290 -9.47 -8.97 -37.52
CA ILE A 290 -10.80 -8.83 -36.94
C ILE A 290 -11.27 -7.37 -37.00
N TRP A 291 -10.53 -6.48 -36.37
CA TRP A 291 -10.87 -5.06 -36.44
C TRP A 291 -10.64 -4.52 -37.84
N GLY A 292 -9.50 -4.88 -38.43
CA GLY A 292 -9.05 -4.25 -39.67
C GLY A 292 -9.72 -4.74 -40.94
N GLU A 293 -10.42 -5.87 -40.85
CA GLU A 293 -11.11 -6.43 -42.02
C GLU A 293 -12.55 -6.82 -41.69
N ASP A 294 -12.72 -7.83 -40.85
CA ASP A 294 -14.05 -8.39 -40.59
C ASP A 294 -15.04 -7.39 -40.03
N LEU A 295 -14.59 -6.55 -39.08
CA LEU A 295 -15.48 -5.62 -38.38
C LEU A 295 -15.20 -4.17 -38.72
N ARG A 296 -14.37 -3.95 -39.73
CA ARG A 296 -13.93 -2.61 -40.10
C ARG A 296 -15.13 -1.69 -40.33
N HIS A 297 -16.20 -2.23 -40.91
CA HIS A 297 -17.39 -1.45 -41.22
C HIS A 297 -18.10 -0.91 -39.97
N LEU A 298 -17.87 -1.56 -38.83
CA LEU A 298 -18.46 -1.13 -37.57
C LEU A 298 -17.60 -0.09 -36.89
N ILE A 299 -16.38 0.08 -37.38
CA ILE A 299 -15.45 1.03 -36.79
C ILE A 299 -15.46 2.37 -37.52
N VAL A 300 -15.38 2.33 -38.85
CA VAL A 300 -15.27 3.56 -39.64
C VAL A 300 -16.57 4.38 -39.63
N SER A 301 -17.63 3.78 -39.09
CA SER A 301 -18.94 4.43 -39.00
C SER A 301 -19.12 5.17 -37.68
N ARG A 302 -18.15 5.05 -36.77
CA ARG A 302 -18.33 5.61 -35.43
C ARG A 302 -18.06 7.12 -35.35
N SER A 303 -18.70 7.78 -34.41
CA SER A 303 -18.52 9.21 -34.18
C SER A 303 -17.15 9.52 -33.57
N THR A 304 -16.67 10.74 -33.78
CA THR A 304 -15.45 11.20 -33.15
C THR A 304 -15.61 11.26 -31.64
N GLN A 305 -16.85 11.40 -31.18
CA GLN A 305 -17.15 11.44 -29.75
C GLN A 305 -17.31 10.03 -29.17
N ALA A 306 -17.23 9.03 -30.04
CA ALA A 306 -17.44 7.65 -29.61
C ALA A 306 -16.48 6.67 -30.28
N PRO A 307 -15.17 6.90 -30.14
CA PRO A 307 -14.22 6.04 -30.86
C PRO A 307 -14.17 4.63 -30.27
N LEU A 308 -13.72 3.68 -31.09
CA LEU A 308 -13.25 2.41 -30.56
C LEU A 308 -11.85 2.65 -30.02
N ILE A 309 -11.61 2.19 -28.79
CA ILE A 309 -10.30 2.27 -28.21
C ILE A 309 -9.76 0.85 -28.06
N ILE A 310 -8.79 0.50 -28.90
CA ILE A 310 -8.22 -0.84 -28.88
C ILE A 310 -7.21 -0.96 -27.74
N ARG A 311 -7.31 -2.05 -26.98
CA ARG A 311 -6.46 -2.21 -25.81
C ARG A 311 -5.62 -3.48 -25.88
N PRO A 312 -4.33 -3.32 -26.23
CA PRO A 312 -3.40 -4.43 -26.00
C PRO A 312 -3.18 -4.59 -24.51
N ASP A 313 -2.70 -5.74 -24.06
CA ASP A 313 -2.51 -5.95 -22.61
C ASP A 313 -1.38 -6.92 -22.29
N SER A 314 -0.46 -7.14 -23.23
CA SER A 314 0.63 -8.09 -23.04
C SER A 314 1.74 -7.87 -24.06
N GLY A 315 2.90 -8.47 -23.80
CA GLY A 315 4.07 -8.26 -24.61
C GLY A 315 4.89 -7.06 -24.15
N ASN A 316 6.04 -6.84 -24.77
CA ASN A 316 6.80 -5.65 -24.47
C ASN A 316 5.94 -4.41 -24.76
N PRO A 317 5.74 -3.54 -23.76
CA PRO A 317 4.81 -2.41 -23.94
C PRO A 317 5.15 -1.53 -25.16
N LEU A 318 6.40 -1.11 -25.30
CA LEU A 318 6.77 -0.28 -26.45
C LEU A 318 6.62 -1.03 -27.76
N ASP A 319 7.17 -2.23 -27.84
CA ASP A 319 7.13 -3.00 -29.09
C ASP A 319 5.69 -3.27 -29.52
N THR A 320 4.83 -3.58 -28.57
CA THR A 320 3.45 -3.91 -28.86
C THR A 320 2.67 -2.69 -29.34
N VAL A 321 2.84 -1.56 -28.65
CA VAL A 321 2.20 -0.32 -29.09
C VAL A 321 2.62 0.04 -30.52
N LEU A 322 3.92 -0.02 -30.81
CA LEU A 322 4.39 0.33 -32.15
C LEU A 322 3.82 -0.62 -33.21
N LYS A 323 3.78 -1.92 -32.90
CA LYS A 323 3.27 -2.89 -33.88
C LYS A 323 1.76 -2.73 -34.08
N VAL A 324 1.04 -2.46 -33.01
CA VAL A 324 -0.39 -2.19 -33.11
C VAL A 324 -0.66 -0.98 -34.00
N LEU A 325 0.07 0.10 -33.75
CA LEU A 325 -0.06 1.31 -34.58
C LEU A 325 0.27 1.04 -36.06
N GLU A 326 1.35 0.32 -36.29
CA GLU A 326 1.76 -0.05 -37.66
C GLU A 326 0.64 -0.84 -38.37
N ILE A 327 0.07 -1.82 -37.68
CA ILE A 327 -1.02 -2.61 -38.23
C ILE A 327 -2.23 -1.75 -38.57
N LEU A 328 -2.67 -0.96 -37.60
CA LEU A 328 -3.84 -0.11 -37.77
C LEU A 328 -3.62 0.93 -38.86
N GLY A 329 -2.39 1.43 -38.97
CA GLY A 329 -2.06 2.45 -39.96
C GLY A 329 -2.18 1.95 -41.38
N LYS A 330 -2.07 0.63 -41.55
CA LYS A 330 -2.18 0.07 -42.88
C LYS A 330 -3.59 -0.42 -43.22
N LYS A 331 -4.45 -0.49 -42.21
CA LYS A 331 -5.85 -0.90 -42.42
C LYS A 331 -6.85 0.26 -42.35
N PHE A 332 -6.41 1.39 -41.78
CA PHE A 332 -7.27 2.56 -41.60
C PHE A 332 -6.61 3.79 -42.20
N PRO A 333 -7.43 4.78 -42.60
CA PRO A 333 -6.84 5.98 -43.21
C PRO A 333 -6.07 6.80 -42.18
N VAL A 334 -4.79 7.03 -42.44
CA VAL A 334 -3.95 7.81 -41.54
C VAL A 334 -3.71 9.19 -42.14
N THR A 335 -3.72 10.22 -41.30
CA THR A 335 -3.35 11.55 -41.76
C THR A 335 -2.00 11.96 -41.17
N GLU A 336 -1.44 13.06 -41.66
CA GLU A 336 -0.26 13.64 -41.08
C GLU A 336 -0.65 15.00 -40.54
N ASN A 337 -0.46 15.21 -39.25
CA ASN A 337 -0.88 16.47 -38.63
C ASN A 337 0.09 17.60 -38.96
N SER A 338 -0.18 18.78 -38.44
CA SER A 338 0.60 19.96 -38.84
C SER A 338 2.03 19.93 -38.31
N LYS A 339 2.32 19.02 -37.38
CA LYS A 339 3.67 18.86 -36.85
C LYS A 339 4.45 17.77 -37.58
N GLY A 340 3.79 17.11 -38.53
CA GLY A 340 4.42 16.05 -39.29
C GLY A 340 4.26 14.64 -38.73
N TYR A 341 3.38 14.47 -37.73
CA TYR A 341 3.21 13.19 -37.07
C TYR A 341 1.96 12.47 -37.55
N LYS A 342 2.03 11.13 -37.58
CA LYS A 342 0.92 10.33 -38.06
C LYS A 342 -0.22 10.26 -37.06
N LEU A 343 -1.44 10.30 -37.58
CA LEU A 343 -2.64 10.35 -36.76
C LEU A 343 -3.70 9.40 -37.30
N LEU A 344 -4.13 8.47 -36.45
CA LEU A 344 -5.23 7.58 -36.77
C LEU A 344 -6.52 8.38 -36.98
N PRO A 345 -7.51 7.79 -37.67
CA PRO A 345 -8.78 8.50 -37.82
C PRO A 345 -9.44 8.72 -36.46
N PRO A 346 -10.32 9.72 -36.35
CA PRO A 346 -10.80 10.10 -35.02
C PRO A 346 -11.69 9.07 -34.32
N TYR A 347 -12.17 8.08 -35.07
CA TYR A 347 -13.01 7.02 -34.49
C TYR A 347 -12.20 5.84 -33.95
N LEU A 348 -10.87 5.97 -33.95
CA LEU A 348 -9.98 4.87 -33.57
C LEU A 348 -8.79 5.37 -32.75
N ARG A 349 -8.62 4.81 -31.56
CA ARG A 349 -7.51 5.15 -30.68
C ARG A 349 -6.99 3.89 -30.00
N VAL A 350 -5.88 4.03 -29.27
CA VAL A 350 -5.28 2.90 -28.57
C VAL A 350 -5.07 3.26 -27.10
N ILE A 351 -5.25 2.28 -26.21
CA ILE A 351 -4.84 2.47 -24.81
C ILE A 351 -3.89 1.36 -24.37
N GLN A 352 -2.73 1.74 -23.84
CA GLN A 352 -1.79 0.77 -23.29
C GLN A 352 -1.95 0.78 -21.77
N GLY A 353 -2.43 -0.35 -21.23
CA GLY A 353 -2.70 -0.42 -19.81
C GLY A 353 -2.02 -1.57 -19.11
N ASP A 354 -0.95 -2.08 -19.72
CA ASP A 354 -0.15 -3.15 -19.12
C ASP A 354 1.28 -2.66 -18.94
N GLY A 355 1.81 -2.86 -17.74
CA GLY A 355 3.21 -2.57 -17.47
C GLY A 355 3.60 -1.10 -17.51
N VAL A 356 2.63 -0.22 -17.30
CA VAL A 356 2.90 1.22 -17.34
C VAL A 356 3.30 1.77 -15.97
N ASP A 357 4.50 2.34 -15.91
CA ASP A 357 4.91 3.17 -14.79
C ASP A 357 5.61 4.40 -15.36
N ILE A 358 6.16 5.25 -14.52
CA ILE A 358 6.73 6.50 -15.02
C ILE A 358 7.88 6.24 -16.01
N ASN A 359 8.64 5.18 -15.77
CA ASN A 359 9.75 4.86 -16.66
C ASN A 359 9.30 4.34 -18.01
N THR A 360 8.39 3.38 -18.01
CA THR A 360 7.95 2.80 -19.27
C THR A 360 7.06 3.77 -20.05
N LEU A 361 6.35 4.66 -19.35
CA LEU A 361 5.58 5.70 -20.01
C LEU A 361 6.50 6.56 -20.88
N GLN A 362 7.60 6.99 -20.28
CA GLN A 362 8.60 7.78 -20.99
C GLN A 362 9.14 7.01 -22.19
N GLU A 363 9.45 5.73 -21.98
CA GLU A 363 9.97 4.90 -23.08
C GLU A 363 8.97 4.82 -24.24
N ILE A 364 7.70 4.65 -23.91
CA ILE A 364 6.70 4.49 -24.96
C ILE A 364 6.49 5.76 -25.77
N VAL A 365 6.33 6.90 -25.10
CA VAL A 365 6.11 8.13 -25.85
C VAL A 365 7.33 8.53 -26.69
N GLU A 366 8.54 8.28 -26.18
CA GLU A 366 9.74 8.58 -26.94
C GLU A 366 9.85 7.66 -28.15
N GLY A 367 9.51 6.38 -27.96
CA GLY A 367 9.53 5.43 -29.06
C GLY A 367 8.52 5.79 -30.14
N MET A 368 7.34 6.22 -29.72
CA MET A 368 6.32 6.67 -30.65
C MET A 368 6.80 7.89 -31.43
N LYS A 369 7.39 8.85 -30.74
CA LYS A 369 7.91 10.05 -31.39
C LYS A 369 8.95 9.68 -32.45
N GLN A 370 9.85 8.76 -32.11
CA GLN A 370 10.91 8.36 -33.04
C GLN A 370 10.31 7.71 -34.29
N LYS A 371 9.16 7.07 -34.12
CA LYS A 371 8.49 6.41 -35.24
C LYS A 371 7.43 7.30 -35.88
N MET A 372 7.44 8.58 -35.51
CA MET A 372 6.57 9.59 -36.12
C MET A 372 5.08 9.40 -35.86
N TRP A 373 4.73 8.82 -34.72
CA TRP A 373 3.33 8.68 -34.33
C TRP A 373 2.98 9.74 -33.30
N SER A 374 1.91 10.48 -33.54
CA SER A 374 1.46 11.48 -32.57
C SER A 374 1.01 10.85 -31.26
N ILE A 375 1.27 11.53 -30.15
CA ILE A 375 0.79 11.06 -28.86
C ILE A 375 -0.74 11.21 -28.77
N GLU A 376 -1.33 11.93 -29.72
CA GLU A 376 -2.79 12.02 -29.79
C GLU A 376 -3.41 10.62 -29.94
N ASN A 377 -2.66 9.71 -30.53
CA ASN A 377 -3.17 8.35 -30.81
C ASN A 377 -3.35 7.47 -29.60
N ILE A 378 -2.68 7.80 -28.51
CA ILE A 378 -2.54 6.86 -27.40
C ILE A 378 -2.99 7.46 -26.07
N ALA A 379 -3.52 6.59 -25.21
CA ALA A 379 -3.71 6.90 -23.80
C ALA A 379 -3.09 5.77 -23.01
N PHE A 380 -2.89 6.02 -21.72
CA PHE A 380 -2.24 5.04 -20.86
C PHE A 380 -3.13 4.74 -19.67
N GLY A 381 -3.14 3.47 -19.29
CA GLY A 381 -3.73 3.04 -18.03
C GLY A 381 -2.61 2.51 -17.15
N SER A 382 -2.67 2.85 -15.87
CA SER A 382 -1.64 2.38 -14.94
C SER A 382 -2.31 1.99 -13.64
N GLY A 383 -1.88 0.86 -13.08
CA GLY A 383 -2.49 0.30 -11.89
C GLY A 383 -1.53 0.26 -10.73
N GLY A 384 -0.85 -0.87 -10.56
CA GLY A 384 0.19 -0.98 -9.54
C GLY A 384 1.24 0.11 -9.64
N GLY A 385 1.66 0.44 -10.85
CA GLY A 385 2.67 1.47 -11.04
C GLY A 385 2.23 2.83 -10.52
N LEU A 386 0.94 3.10 -10.62
CA LEU A 386 0.39 4.40 -10.25
C LEU A 386 0.11 4.50 -8.74
N LEU A 387 -0.39 3.42 -8.15
CA LEU A 387 -0.94 3.48 -6.79
C LEU A 387 -0.24 2.61 -5.75
N GLN A 388 0.54 1.63 -6.19
CA GLN A 388 1.10 0.66 -5.24
C GLN A 388 2.62 0.63 -5.19
N LYS A 389 3.27 0.75 -6.36
CA LYS A 389 4.72 0.64 -6.45
C LYS A 389 5.42 1.95 -6.07
N LEU A 390 5.21 2.36 -4.82
CA LEU A 390 5.71 3.61 -4.28
C LEU A 390 5.96 3.38 -2.81
N THR A 391 7.02 3.98 -2.27
CA THR A 391 7.31 3.87 -0.85
C THR A 391 7.65 5.24 -0.29
N ARG A 392 7.73 5.29 1.04
CA ARG A 392 8.04 6.52 1.75
C ARG A 392 9.45 7.02 1.43
N ASP A 393 10.31 6.12 0.96
CA ASP A 393 11.69 6.48 0.62
C ASP A 393 11.82 7.25 -0.69
N LEU A 394 10.79 7.23 -1.53
CA LEU A 394 10.92 7.85 -2.84
C LEU A 394 11.19 9.34 -2.69
N LEU A 395 10.43 9.99 -1.81
CA LEU A 395 10.58 11.42 -1.57
C LEU A 395 11.16 11.70 -0.20
N ASN A 396 11.56 10.65 0.50
CA ASN A 396 12.08 10.76 1.87
C ASN A 396 11.16 11.57 2.78
N CYS A 397 9.89 11.19 2.78
CA CYS A 397 8.89 11.83 3.64
C CYS A 397 9.18 11.47 5.09
N SER A 398 9.33 12.49 5.93
CA SER A 398 9.88 12.27 7.26
C SER A 398 9.42 13.32 8.28
N PHE A 399 9.29 12.90 9.53
CA PHE A 399 8.74 13.73 10.61
C PHE A 399 9.79 13.74 11.70
N LYS A 400 10.21 14.93 12.12
CA LYS A 400 11.28 15.06 13.12
C LYS A 400 11.01 16.20 14.11
N CYS A 401 11.47 16.01 15.34
CA CYS A 401 11.39 17.06 16.35
C CYS A 401 12.53 18.06 16.13
N SER A 402 12.19 19.35 16.07
CA SER A 402 13.21 20.37 15.84
C SER A 402 13.31 21.39 16.98
N TYR A 403 12.36 21.37 17.91
CA TYR A 403 12.36 22.37 18.97
C TYR A 403 11.66 21.85 20.21
N VAL A 404 12.26 22.09 21.37
CA VAL A 404 11.63 21.74 22.63
C VAL A 404 11.79 22.88 23.61
N VAL A 405 10.90 22.94 24.59
CA VAL A 405 11.09 23.81 25.74
C VAL A 405 11.20 22.96 26.99
N THR A 406 12.30 23.14 27.72
CA THR A 406 12.57 22.38 28.93
C THR A 406 13.06 23.37 29.99
N ASN A 407 12.47 23.30 31.17
CA ASN A 407 12.76 24.27 32.25
C ASN A 407 12.56 25.71 31.77
N GLY A 408 11.56 25.90 30.91
CA GLY A 408 11.21 27.21 30.40
C GLY A 408 12.14 27.78 29.35
N LEU A 409 13.12 26.98 28.92
CA LEU A 409 14.08 27.43 27.91
C LEU A 409 13.91 26.67 26.59
N GLY A 410 13.79 27.41 25.49
CA GLY A 410 13.70 26.79 24.18
C GLY A 410 15.06 26.28 23.76
N ILE A 411 15.08 25.09 23.15
CA ILE A 411 16.30 24.48 22.65
C ILE A 411 16.06 23.97 21.23
N ASN A 412 16.99 24.29 20.33
CA ASN A 412 16.89 23.85 18.95
C ASN A 412 17.54 22.47 18.85
N VAL A 413 16.77 21.49 18.40
CA VAL A 413 17.25 20.11 18.41
C VAL A 413 17.17 19.49 17.03
N PHE A 414 17.93 18.41 16.83
CA PHE A 414 18.09 17.84 15.50
C PHE A 414 18.87 16.54 15.62
N LYS A 415 18.81 15.73 14.57
CA LYS A 415 19.71 14.59 14.41
C LYS A 415 20.70 14.89 13.27
N ASP A 416 21.84 14.22 13.30
CA ASP A 416 22.88 14.44 12.30
C ASP A 416 23.81 13.23 12.29
N PRO A 417 23.33 12.08 11.79
CA PRO A 417 24.12 10.84 11.87
C PRO A 417 25.43 10.93 11.08
N VAL A 418 26.53 10.56 11.72
CA VAL A 418 27.86 10.74 11.16
C VAL A 418 28.02 10.06 9.79
N ALA A 419 27.36 8.92 9.60
CA ALA A 419 27.56 8.14 8.38
C ALA A 419 26.58 8.49 7.28
N ASP A 420 25.64 9.39 7.56
CA ASP A 420 24.65 9.76 6.54
C ASP A 420 24.15 11.19 6.71
N PRO A 421 24.86 12.16 6.10
CA PRO A 421 24.46 13.56 6.13
C PRO A 421 23.06 13.80 5.52
N ASN A 422 22.59 12.88 4.67
CA ASN A 422 21.26 13.03 4.08
C ASN A 422 20.15 12.88 5.10
N LYS A 423 20.47 12.34 6.27
CA LYS A 423 19.48 12.17 7.32
C LYS A 423 19.51 13.28 8.38
N ARG A 424 20.35 14.29 8.17
CA ARG A 424 20.37 15.46 9.04
C ARG A 424 18.99 16.13 9.00
N SER A 425 18.52 16.57 10.17
CA SER A 425 17.22 17.23 10.25
C SER A 425 17.40 18.71 10.60
N LYS A 426 16.31 19.47 10.41
CA LYS A 426 16.35 20.93 10.62
C LYS A 426 16.29 21.32 12.09
N LYS A 427 16.79 22.53 12.39
CA LYS A 427 16.93 23.00 13.76
C LYS A 427 15.95 24.12 14.11
N GLY A 428 15.27 24.00 15.24
CA GLY A 428 14.48 25.09 15.76
C GLY A 428 13.10 25.26 15.18
N ARG A 429 12.48 26.39 15.49
CA ARG A 429 11.18 26.74 14.95
C ARG A 429 11.31 27.08 13.47
N LEU A 430 10.37 26.58 12.66
CA LEU A 430 10.49 26.68 11.21
C LEU A 430 9.39 27.51 10.60
N SER A 431 9.67 28.10 9.45
CA SER A 431 8.66 28.79 8.66
C SER A 431 9.03 28.68 7.18
N LEU A 432 8.02 28.81 6.32
CA LEU A 432 8.19 28.66 4.88
C LEU A 432 7.91 30.01 4.21
N HIS A 433 8.79 30.46 3.33
CA HIS A 433 8.68 31.78 2.73
C HIS A 433 8.99 31.80 1.25
N ARG A 434 8.50 32.83 0.57
CA ARG A 434 8.96 33.13 -0.78
C ARG A 434 10.29 33.86 -0.72
N THR A 435 11.18 33.51 -1.63
CA THR A 435 12.46 34.21 -1.76
C THR A 435 12.24 35.44 -2.66
N PRO A 436 13.22 36.36 -2.71
CA PRO A 436 13.06 37.51 -3.60
C PRO A 436 12.86 37.13 -5.07
N ALA A 437 13.42 35.99 -5.49
CA ALA A 437 13.26 35.56 -6.87
C ALA A 437 11.98 34.75 -7.09
N GLY A 438 11.21 34.57 -6.03
CA GLY A 438 9.92 33.89 -6.12
C GLY A 438 9.97 32.40 -5.86
N ASN A 439 11.12 31.93 -5.37
CA ASN A 439 11.27 30.52 -5.00
C ASN A 439 10.83 30.28 -3.55
N PHE A 440 11.10 29.10 -3.03
CA PHE A 440 10.76 28.80 -1.64
C PHE A 440 12.01 28.67 -0.78
N VAL A 441 11.90 29.06 0.48
CA VAL A 441 12.93 28.82 1.46
C VAL A 441 12.33 28.47 2.81
N THR A 442 12.94 27.51 3.50
CA THR A 442 12.58 27.21 4.89
C THR A 442 13.56 27.90 5.81
N LEU A 443 13.04 28.73 6.71
CA LEU A 443 13.88 29.41 7.70
C LEU A 443 13.89 28.61 9.01
N GLU A 444 15.07 28.42 9.55
CA GLU A 444 15.25 27.62 10.76
C GLU A 444 15.52 28.53 11.95
N GLU A 445 15.56 27.94 13.14
CA GLU A 445 16.01 28.65 14.34
C GLU A 445 15.16 29.87 14.66
N GLY A 446 13.89 29.83 14.25
CA GLY A 446 12.96 30.90 14.52
C GLY A 446 13.26 32.17 13.76
N LYS A 447 14.12 32.08 12.74
CA LYS A 447 14.52 33.27 11.98
C LYS A 447 13.39 33.94 11.20
N GLY A 448 12.30 33.21 10.99
CA GLY A 448 11.11 33.80 10.38
C GLY A 448 10.59 34.97 11.18
N ASP A 449 10.85 34.96 12.49
CA ASP A 449 10.44 36.04 13.39
C ASP A 449 11.10 37.37 13.07
N LEU A 450 12.21 37.34 12.35
CA LEU A 450 12.94 38.56 12.00
C LEU A 450 12.21 39.37 10.93
N GLU A 451 11.21 38.76 10.29
CA GLU A 451 10.36 39.46 9.34
C GLU A 451 11.13 39.99 8.14
N GLU A 452 12.12 39.24 7.69
CA GLU A 452 12.94 39.68 6.55
C GLU A 452 12.51 38.99 5.27
N TYR A 453 11.63 38.00 5.39
CA TYR A 453 11.21 37.18 4.26
C TYR A 453 9.71 37.13 4.03
N GLY A 454 9.00 38.18 4.41
CA GLY A 454 7.56 38.22 4.19
C GLY A 454 6.81 37.18 5.02
N GLN A 455 5.53 36.99 4.71
CA GLN A 455 4.69 36.13 5.53
C GLN A 455 5.04 34.65 5.43
N ASP A 456 4.83 33.94 6.52
CA ASP A 456 4.95 32.49 6.58
C ASP A 456 3.85 31.89 5.72
N LEU A 457 4.20 30.92 4.89
CA LEU A 457 3.24 30.28 3.99
C LEU A 457 2.50 29.13 4.66
N LEU A 458 2.93 28.74 5.86
CA LEU A 458 2.20 27.74 6.63
C LEU A 458 1.01 28.42 7.28
N HIS A 459 -0.15 27.78 7.20
CA HIS A 459 -1.37 28.26 7.85
C HIS A 459 -1.82 27.25 8.90
N THR A 460 -2.38 27.73 10.00
CA THR A 460 -3.01 26.82 10.96
C THR A 460 -4.19 26.08 10.34
N VAL A 461 -4.09 24.75 10.27
CA VAL A 461 -5.16 23.92 9.71
C VAL A 461 -5.88 23.09 10.77
N PHE A 462 -5.25 22.95 11.94
CA PHE A 462 -5.84 22.18 13.03
C PHE A 462 -5.42 22.83 14.34
N LYS A 463 -6.37 23.03 15.24
CA LYS A 463 -6.02 23.52 16.56
C LYS A 463 -7.04 23.03 17.58
N ASN A 464 -6.55 22.38 18.63
CA ASN A 464 -7.38 21.94 19.75
C ASN A 464 -8.65 21.19 19.34
N GLY A 465 -8.49 20.24 18.41
CA GLY A 465 -9.59 19.37 18.05
C GLY A 465 -10.42 19.87 16.87
N LYS A 466 -10.12 21.06 16.37
CA LYS A 466 -10.90 21.65 15.30
C LYS A 466 -10.08 21.82 14.03
N VAL A 467 -10.68 21.51 12.88
CA VAL A 467 -10.07 21.84 11.60
C VAL A 467 -10.37 23.31 11.31
N THR A 468 -9.32 24.11 11.20
CA THR A 468 -9.45 25.57 11.19
C THR A 468 -9.35 26.18 9.79
N LYS A 469 -8.87 25.40 8.84
CA LYS A 469 -8.74 25.87 7.47
C LYS A 469 -8.81 24.66 6.54
N SER A 470 -9.66 24.75 5.52
CA SER A 470 -9.90 23.66 4.59
C SER A 470 -9.80 24.14 3.14
N TYR A 471 -9.55 23.18 2.24
CA TYR A 471 -9.42 23.45 0.81
C TYR A 471 -10.36 22.56 0.02
N SER A 472 -10.96 23.12 -1.02
CA SER A 472 -11.76 22.31 -1.93
C SER A 472 -10.84 21.56 -2.89
N PHE A 473 -11.37 20.50 -3.51
CA PHE A 473 -10.58 19.77 -4.46
C PHE A 473 -10.26 20.64 -5.68
N ASP A 474 -11.16 21.56 -6.01
CA ASP A 474 -10.95 22.48 -7.12
C ASP A 474 -9.75 23.40 -6.85
N GLU A 475 -9.65 23.88 -5.62
CA GLU A 475 -8.51 24.72 -5.21
C GLU A 475 -7.20 23.95 -5.29
N ILE A 476 -7.25 22.69 -4.86
CA ILE A 476 -6.07 21.84 -4.88
C ILE A 476 -5.60 21.59 -6.31
N ARG A 477 -6.54 21.28 -7.20
CA ARG A 477 -6.21 21.14 -8.61
C ARG A 477 -5.57 22.40 -9.21
N LYS A 478 -6.10 23.56 -8.85
CA LYS A 478 -5.54 24.81 -9.35
C LYS A 478 -4.11 25.00 -8.86
N ASN A 479 -3.88 24.70 -7.58
CA ASN A 479 -2.55 24.86 -7.01
C ASN A 479 -1.52 23.93 -7.64
N ALA A 480 -1.99 22.76 -8.07
CA ALA A 480 -1.09 21.71 -8.59
C ALA A 480 -0.89 21.74 -10.10
N GLN A 481 -1.43 22.75 -10.78
CA GLN A 481 -1.27 22.85 -12.23
C GLN A 481 0.18 22.84 -12.68
N LEU A 482 0.43 22.32 -13.87
CA LEU A 482 1.74 22.43 -14.50
C LEU A 482 1.98 23.85 -14.97
N ASN A 483 3.25 24.24 -15.06
CA ASN A 483 3.60 25.52 -15.66
C ASN A 483 3.09 25.68 -17.09
N ILE A 484 3.20 24.63 -17.89
CA ILE A 484 2.72 24.67 -19.27
C ILE A 484 1.22 24.90 -19.34
N GLU A 485 0.50 24.33 -18.39
CA GLU A 485 -0.93 24.60 -18.27
C GLU A 485 -1.12 26.06 -17.89
N LEU A 486 -0.27 26.56 -16.99
CA LEU A 486 -0.30 27.96 -16.61
C LEU A 486 0.28 28.85 -17.71
N GLU B 8 -19.77 4.49 5.64
CA GLU B 8 -20.60 3.42 5.07
C GLU B 8 -20.01 2.85 3.77
N PHE B 9 -19.55 1.61 3.85
CA PHE B 9 -19.03 0.91 2.69
C PHE B 9 -20.18 0.43 1.81
N ASN B 10 -20.01 0.58 0.49
CA ASN B 10 -21.04 0.21 -0.48
C ASN B 10 -20.43 -0.68 -1.56
N ILE B 11 -20.74 -1.97 -1.51
CA ILE B 11 -20.15 -2.93 -2.45
C ILE B 11 -20.48 -2.61 -3.92
N LEU B 12 -21.56 -1.87 -4.14
CA LEU B 12 -21.92 -1.45 -5.49
C LEU B 12 -20.94 -0.40 -6.02
N LEU B 13 -20.20 0.21 -5.12
CA LEU B 13 -19.20 1.22 -5.49
C LEU B 13 -17.80 0.71 -5.23
N ALA B 14 -17.65 -0.59 -5.04
CA ALA B 14 -16.34 -1.15 -4.71
C ALA B 14 -15.84 -2.10 -5.78
N THR B 15 -15.95 -1.65 -7.02
CA THR B 15 -15.48 -2.43 -8.16
C THR B 15 -14.80 -1.45 -9.13
N ASP B 16 -14.02 -1.97 -10.07
CA ASP B 16 -13.49 -1.15 -11.16
C ASP B 16 -14.66 -0.64 -11.98
N SER B 17 -14.63 0.64 -12.34
CA SER B 17 -15.72 1.25 -13.09
C SER B 17 -16.18 0.42 -14.28
N TYR B 18 -15.25 -0.10 -15.08
CA TYR B 18 -15.68 -0.81 -16.29
C TYR B 18 -16.57 -2.02 -16.02
N LYS B 19 -16.40 -2.65 -14.86
CA LYS B 19 -17.21 -3.81 -14.52
C LYS B 19 -18.70 -3.48 -14.41
N VAL B 20 -19.02 -2.21 -14.17
CA VAL B 20 -20.41 -1.76 -14.18
C VAL B 20 -21.09 -2.06 -15.53
N THR B 21 -20.28 -2.13 -16.58
CA THR B 21 -20.82 -2.28 -17.93
C THR B 21 -20.76 -3.71 -18.46
N HIS B 22 -20.23 -4.64 -17.66
CA HIS B 22 -19.97 -5.98 -18.17
C HIS B 22 -21.21 -6.86 -18.32
N TYR B 23 -22.26 -6.59 -17.54
CA TYR B 23 -23.47 -7.40 -17.65
C TYR B 23 -24.06 -7.39 -19.07
N LYS B 24 -23.77 -6.32 -19.81
CA LYS B 24 -24.25 -6.16 -21.18
C LYS B 24 -23.34 -6.85 -22.19
N GLN B 25 -22.19 -7.35 -21.76
CA GLN B 25 -21.14 -7.80 -22.67
C GLN B 25 -20.98 -9.30 -22.81
N TYR B 26 -21.40 -10.04 -21.78
CA TYR B 26 -21.34 -11.49 -21.82
C TYR B 26 -22.28 -12.02 -22.91
N PRO B 27 -22.04 -13.26 -23.38
CA PRO B 27 -22.98 -13.82 -24.37
C PRO B 27 -24.41 -13.84 -23.85
N PRO B 28 -25.38 -13.52 -24.71
CA PRO B 28 -26.79 -13.62 -24.30
C PRO B 28 -27.08 -15.00 -23.70
N ASN B 29 -27.95 -15.05 -22.69
CA ASN B 29 -28.36 -16.31 -22.06
C ASN B 29 -27.23 -17.04 -21.35
N THR B 30 -26.32 -16.28 -20.75
CA THR B 30 -25.29 -16.87 -19.89
C THR B 30 -25.84 -16.97 -18.48
N SER B 31 -25.80 -18.18 -17.92
CA SER B 31 -26.38 -18.46 -16.62
C SER B 31 -25.32 -18.67 -15.53
N LYS B 32 -24.08 -18.89 -15.95
CA LYS B 32 -23.01 -19.14 -14.99
C LYS B 32 -21.70 -18.52 -15.45
N VAL B 33 -21.04 -17.79 -14.54
CA VAL B 33 -19.66 -17.37 -14.73
C VAL B 33 -18.89 -17.92 -13.54
N TYR B 34 -17.85 -18.70 -13.82
CA TYR B 34 -17.05 -19.37 -12.80
C TYR B 34 -15.61 -18.90 -12.99
N SER B 35 -15.01 -18.40 -11.92
CA SER B 35 -13.68 -17.82 -12.00
C SER B 35 -12.79 -18.33 -10.86
N TYR B 36 -11.49 -18.10 -10.99
CA TYR B 36 -10.56 -18.64 -10.01
C TYR B 36 -9.38 -17.68 -9.79
N PHE B 37 -8.73 -17.82 -8.65
CA PHE B 37 -7.58 -17.01 -8.28
C PHE B 37 -6.37 -17.93 -8.12
N GLU B 38 -5.24 -17.51 -8.68
CA GLU B 38 -3.98 -18.21 -8.47
C GLU B 38 -2.85 -17.20 -8.33
N CYS B 39 -1.71 -17.66 -7.82
CA CYS B 39 -0.48 -16.90 -7.90
C CYS B 39 0.30 -17.51 -9.07
N ARG B 40 0.11 -16.91 -10.24
CA ARG B 40 0.50 -17.54 -11.50
C ARG B 40 1.99 -17.85 -11.55
N GLU B 41 2.33 -18.98 -12.15
CA GLU B 41 3.73 -19.36 -12.30
C GLU B 41 4.40 -18.39 -13.28
N LYS B 42 5.66 -18.08 -13.04
CA LYS B 42 6.41 -17.14 -13.88
C LYS B 42 7.83 -17.61 -14.10
N LYS B 53 12.51 -17.25 -7.60
CA LYS B 53 12.15 -17.54 -6.23
C LYS B 53 10.65 -17.35 -5.97
N TYR B 54 10.29 -17.31 -4.70
CA TYR B 54 8.89 -17.34 -4.26
C TYR B 54 8.13 -18.49 -4.93
N GLU B 55 8.67 -19.69 -4.78
CA GLU B 55 8.11 -20.87 -5.39
C GLU B 55 6.83 -21.33 -4.72
N GLU B 56 6.61 -20.90 -3.47
CA GLU B 56 5.41 -21.29 -2.73
C GLU B 56 4.85 -20.10 -2.01
N THR B 57 3.53 -20.07 -1.84
CA THR B 57 2.86 -18.93 -1.24
C THR B 57 2.03 -19.32 -0.03
N VAL B 58 1.94 -18.42 0.93
CA VAL B 58 1.05 -18.59 2.07
C VAL B 58 -0.29 -18.00 1.72
N PHE B 59 -1.33 -18.83 1.72
CA PHE B 59 -2.67 -18.32 1.48
C PHE B 59 -3.26 -17.71 2.75
N TYR B 60 -3.44 -16.40 2.75
CA TYR B 60 -3.91 -15.72 3.95
C TYR B 60 -4.64 -14.43 3.59
N GLY B 61 -5.79 -14.19 4.24
CA GLY B 61 -6.41 -12.88 4.18
C GLY B 61 -7.82 -12.84 3.61
N LEU B 62 -8.24 -13.93 2.96
CA LEU B 62 -9.57 -13.97 2.36
C LEU B 62 -10.66 -13.86 3.43
N GLN B 63 -10.43 -14.51 4.57
CA GLN B 63 -11.41 -14.51 5.66
C GLN B 63 -11.76 -13.08 6.13
N TYR B 64 -10.75 -12.21 6.16
CA TYR B 64 -10.96 -10.80 6.48
C TYR B 64 -11.92 -10.15 5.48
N ILE B 65 -11.66 -10.36 4.20
CA ILE B 65 -12.47 -9.76 3.14
C ILE B 65 -13.91 -10.27 3.19
N LEU B 66 -14.08 -11.59 3.36
CA LEU B 66 -15.41 -12.19 3.37
C LEU B 66 -16.23 -11.59 4.50
N ASN B 67 -15.64 -11.53 5.69
CA ASN B 67 -16.35 -11.02 6.84
C ASN B 67 -16.61 -9.52 6.83
N LYS B 68 -15.61 -8.74 6.43
CA LYS B 68 -15.75 -7.29 6.52
C LYS B 68 -16.61 -6.73 5.40
N TYR B 69 -16.55 -7.34 4.22
CA TYR B 69 -17.12 -6.73 3.03
C TYR B 69 -18.21 -7.54 2.30
N LEU B 70 -18.13 -8.87 2.35
CA LEU B 70 -19.00 -9.68 1.49
C LEU B 70 -20.20 -10.33 2.17
N LYS B 71 -20.13 -10.57 3.47
CA LYS B 71 -21.17 -11.37 4.13
C LYS B 71 -22.38 -10.54 4.56
N GLY B 72 -23.52 -11.22 4.68
CA GLY B 72 -24.73 -10.61 5.19
C GLY B 72 -25.44 -9.72 4.19
N LYS B 73 -26.26 -8.80 4.69
CA LYS B 73 -27.02 -7.90 3.82
C LYS B 73 -26.13 -6.75 3.36
N VAL B 74 -25.59 -6.89 2.15
CA VAL B 74 -24.65 -5.90 1.63
C VAL B 74 -25.28 -5.01 0.56
N VAL B 75 -26.55 -5.27 0.25
CA VAL B 75 -27.29 -4.44 -0.68
C VAL B 75 -28.50 -3.86 0.03
N THR B 76 -28.72 -2.56 -0.14
CA THR B 76 -29.92 -1.90 0.35
C THR B 76 -30.45 -0.97 -0.73
N LYS B 77 -31.70 -0.54 -0.60
CA LYS B 77 -32.29 0.41 -1.53
C LYS B 77 -31.43 1.67 -1.61
N GLU B 78 -30.96 2.13 -0.46
CA GLU B 78 -30.15 3.34 -0.38
C GLU B 78 -28.83 3.16 -1.12
N LYS B 79 -28.22 1.99 -0.99
CA LYS B 79 -26.96 1.72 -1.67
C LYS B 79 -27.15 1.63 -3.19
N ILE B 80 -28.28 1.10 -3.61
CA ILE B 80 -28.59 1.03 -5.04
C ILE B 80 -28.75 2.44 -5.59
N GLN B 81 -29.53 3.28 -4.91
CA GLN B 81 -29.73 4.66 -5.35
C GLN B 81 -28.42 5.45 -5.38
N GLU B 82 -27.58 5.27 -4.37
CA GLU B 82 -26.29 5.96 -4.32
C GLU B 82 -25.43 5.60 -5.53
N ALA B 83 -25.33 4.30 -5.82
CA ALA B 83 -24.56 3.83 -6.95
C ALA B 83 -25.12 4.37 -8.26
N LYS B 84 -26.44 4.30 -8.41
CA LYS B 84 -27.10 4.83 -9.60
C LYS B 84 -26.72 6.30 -9.82
N ASP B 85 -26.75 7.08 -8.75
CA ASP B 85 -26.46 8.51 -8.85
C ASP B 85 -25.01 8.78 -9.21
N VAL B 86 -24.09 8.04 -8.59
CA VAL B 86 -22.67 8.24 -8.88
C VAL B 86 -22.31 7.84 -10.30
N TYR B 87 -22.76 6.66 -10.72
CA TYR B 87 -22.41 6.16 -12.05
C TYR B 87 -23.01 6.99 -13.19
N LYS B 88 -24.19 7.55 -12.96
CA LYS B 88 -24.79 8.45 -13.94
C LYS B 88 -23.83 9.60 -14.27
N GLU B 89 -23.21 10.18 -13.24
CA GLU B 89 -22.27 11.28 -13.44
C GLU B 89 -20.90 10.80 -13.91
N HIS B 90 -20.47 9.68 -13.37
CA HIS B 90 -19.13 9.14 -13.65
C HIS B 90 -19.00 8.69 -15.11
N PHE B 91 -20.06 8.08 -15.65
CA PHE B 91 -20.08 7.65 -17.05
C PHE B 91 -20.71 8.67 -17.99
N GLN B 92 -21.32 9.71 -17.41
CA GLN B 92 -22.08 10.68 -18.19
C GLN B 92 -23.15 9.97 -19.01
N ASP B 93 -23.72 8.93 -18.42
CA ASP B 93 -24.64 8.05 -19.13
C ASP B 93 -25.24 7.07 -18.13
N ASP B 94 -26.40 6.53 -18.49
CA ASP B 94 -27.09 5.53 -17.69
C ASP B 94 -26.70 4.13 -18.12
N VAL B 95 -25.74 3.52 -17.44
CA VAL B 95 -25.31 2.19 -17.82
C VAL B 95 -25.40 1.20 -16.64
N PHE B 96 -25.61 1.72 -15.44
CA PHE B 96 -25.68 0.91 -14.23
C PHE B 96 -26.85 -0.10 -14.17
N ASN B 97 -26.54 -1.34 -13.77
CA ASN B 97 -27.52 -2.43 -13.71
C ASN B 97 -28.42 -2.36 -12.47
N GLU B 98 -29.31 -1.38 -12.42
CA GLU B 98 -30.21 -1.23 -11.29
C GLU B 98 -31.09 -2.47 -11.07
N LYS B 99 -31.59 -3.04 -12.16
CA LYS B 99 -32.47 -4.20 -12.08
C LYS B 99 -31.78 -5.42 -11.45
N GLY B 100 -30.53 -5.65 -11.84
CA GLY B 100 -29.79 -6.79 -11.34
C GLY B 100 -29.55 -6.71 -9.85
N TRP B 101 -29.20 -5.52 -9.36
CA TRP B 101 -29.00 -5.33 -7.94
C TRP B 101 -30.32 -5.38 -7.17
N ASN B 102 -31.37 -4.82 -7.76
CA ASN B 102 -32.67 -4.91 -7.12
C ASN B 102 -33.15 -6.35 -6.96
N TYR B 103 -32.80 -7.19 -7.93
CA TYR B 103 -33.14 -8.60 -7.86
C TYR B 103 -32.50 -9.24 -6.63
N ILE B 104 -31.24 -8.95 -6.40
CA ILE B 104 -30.53 -9.50 -5.25
C ILE B 104 -31.15 -9.01 -3.95
N LEU B 105 -31.48 -7.72 -3.91
CA LEU B 105 -32.15 -7.14 -2.76
C LEU B 105 -33.49 -7.83 -2.48
N GLU B 106 -34.31 -7.98 -3.52
CA GLU B 106 -35.65 -8.52 -3.34
C GLU B 106 -35.69 -10.03 -3.07
N LYS B 107 -34.87 -10.78 -3.80
CA LYS B 107 -34.93 -12.24 -3.72
C LYS B 107 -34.13 -12.82 -2.55
N TYR B 108 -33.00 -12.19 -2.23
CA TYR B 108 -32.08 -12.74 -1.24
C TYR B 108 -31.84 -11.82 -0.06
N ASP B 109 -32.72 -10.84 0.14
CA ASP B 109 -32.55 -9.85 1.21
C ASP B 109 -31.14 -9.25 1.20
N GLY B 110 -30.64 -8.96 0.00
CA GLY B 110 -29.39 -8.27 -0.16
C GLY B 110 -28.15 -9.11 0.12
N HIS B 111 -28.33 -10.43 0.25
CA HIS B 111 -27.19 -11.35 0.40
C HIS B 111 -26.70 -11.81 -0.97
N LEU B 112 -25.39 -11.88 -1.17
CA LEU B 112 -24.83 -12.24 -2.48
C LEU B 112 -24.98 -13.73 -2.82
N PRO B 113 -25.67 -14.03 -3.93
CA PRO B 113 -25.79 -15.43 -4.38
C PRO B 113 -24.52 -15.89 -5.10
N ILE B 114 -23.52 -16.16 -4.28
CA ILE B 114 -22.18 -16.51 -4.72
C ILE B 114 -21.69 -17.65 -3.86
N GLU B 115 -20.93 -18.57 -4.45
CA GLU B 115 -20.26 -19.61 -3.70
C GLU B 115 -18.75 -19.49 -3.94
N ILE B 116 -17.99 -19.46 -2.84
CA ILE B 116 -16.53 -19.39 -2.92
C ILE B 116 -15.94 -20.61 -2.23
N LYS B 117 -15.03 -21.29 -2.91
CA LYS B 117 -14.31 -22.41 -2.33
C LYS B 117 -12.85 -22.00 -2.24
N ALA B 118 -12.16 -22.37 -1.15
CA ALA B 118 -10.78 -21.91 -0.95
C ALA B 118 -9.91 -22.93 -0.23
N VAL B 119 -8.60 -22.84 -0.46
CA VAL B 119 -7.66 -23.63 0.32
C VAL B 119 -7.62 -23.06 1.73
N PRO B 120 -7.32 -23.89 2.74
CA PRO B 120 -7.35 -23.38 4.10
C PRO B 120 -6.34 -22.25 4.33
N GLU B 121 -6.71 -21.27 5.15
CA GLU B 121 -5.83 -20.16 5.43
C GLU B 121 -4.59 -20.64 6.16
N GLY B 122 -3.44 -20.08 5.79
CA GLY B 122 -2.16 -20.51 6.33
C GLY B 122 -1.51 -21.58 5.48
N PHE B 123 -2.26 -22.20 4.57
CA PHE B 123 -1.68 -23.25 3.73
C PHE B 123 -0.56 -22.70 2.85
N VAL B 124 0.49 -23.50 2.69
CA VAL B 124 1.63 -23.14 1.87
C VAL B 124 1.57 -23.97 0.58
N ILE B 125 1.34 -23.28 -0.54
CA ILE B 125 1.00 -23.92 -1.79
C ILE B 125 1.94 -23.45 -2.89
N PRO B 126 2.44 -24.37 -3.72
CA PRO B 126 3.29 -23.92 -4.83
C PRO B 126 2.56 -23.01 -5.82
N ARG B 127 3.33 -22.16 -6.48
CA ARG B 127 2.79 -21.27 -7.51
C ARG B 127 2.03 -22.04 -8.59
N GLY B 128 1.03 -21.40 -9.14
CA GLY B 128 0.30 -21.95 -10.27
C GLY B 128 -0.81 -22.91 -9.89
N ASN B 129 -1.21 -22.90 -8.62
CA ASN B 129 -2.33 -23.71 -8.18
C ASN B 129 -3.58 -22.87 -7.90
N VAL B 130 -4.74 -23.47 -8.09
CA VAL B 130 -5.98 -22.82 -7.70
C VAL B 130 -6.00 -22.59 -6.19
N LEU B 131 -6.22 -21.35 -5.77
CA LEU B 131 -6.28 -21.00 -4.35
C LEU B 131 -7.72 -20.76 -3.91
N PHE B 132 -8.50 -20.12 -4.77
CA PHE B 132 -9.94 -20.06 -4.54
C PHE B 132 -10.73 -19.95 -5.84
N THR B 133 -12.00 -20.32 -5.78
CA THR B 133 -12.89 -20.23 -6.94
C THR B 133 -14.15 -19.49 -6.53
N VAL B 134 -14.79 -18.88 -7.52
CA VAL B 134 -15.99 -18.08 -7.30
C VAL B 134 -17.00 -18.38 -8.40
N GLU B 135 -18.25 -18.62 -8.03
CA GLU B 135 -19.30 -18.73 -9.03
C GLU B 135 -20.64 -18.26 -8.48
N ASN B 136 -21.53 -17.85 -9.39
CA ASN B 136 -22.86 -17.43 -8.99
C ASN B 136 -23.75 -18.65 -8.74
N THR B 137 -24.67 -18.52 -7.78
CA THR B 137 -25.56 -19.62 -7.44
C THR B 137 -26.96 -19.42 -8.02
N ASP B 138 -27.19 -18.25 -8.62
CA ASP B 138 -28.47 -17.93 -9.26
C ASP B 138 -28.14 -17.50 -10.69
N PRO B 139 -28.81 -18.10 -11.68
CA PRO B 139 -28.51 -17.78 -13.08
C PRO B 139 -28.69 -16.29 -13.43
N GLU B 140 -29.62 -15.60 -12.76
CA GLU B 140 -29.80 -14.18 -13.00
C GLU B 140 -28.58 -13.34 -12.61
N CYS B 141 -27.71 -13.92 -11.77
CA CYS B 141 -26.56 -13.18 -11.24
C CYS B 141 -25.24 -13.62 -11.85
N TYR B 142 -25.27 -14.05 -13.11
CA TYR B 142 -24.08 -14.42 -13.87
C TYR B 142 -23.01 -13.31 -13.83
N TRP B 143 -23.48 -12.06 -13.74
CA TRP B 143 -22.61 -10.89 -13.82
C TRP B 143 -21.89 -10.62 -12.49
N LEU B 144 -22.34 -11.26 -11.42
CA LEU B 144 -21.89 -10.92 -10.08
C LEU B 144 -20.50 -11.50 -9.77
N THR B 145 -20.22 -12.66 -10.37
CA THR B 145 -18.94 -13.34 -10.15
C THR B 145 -17.77 -12.42 -10.39
N ASN B 146 -17.77 -11.72 -11.52
CA ASN B 146 -16.64 -10.85 -11.79
C ASN B 146 -16.78 -9.41 -11.29
N TRP B 147 -17.98 -9.04 -10.88
CA TRP B 147 -18.15 -7.76 -10.17
C TRP B 147 -17.22 -7.71 -8.97
N ILE B 148 -17.16 -8.81 -8.23
CA ILE B 148 -16.40 -8.84 -6.99
C ILE B 148 -14.94 -9.25 -7.18
N GLU B 149 -14.48 -9.34 -8.44
CA GLU B 149 -13.07 -9.60 -8.70
C GLU B 149 -12.17 -8.59 -7.98
N THR B 150 -12.50 -7.31 -8.11
CA THR B 150 -11.62 -6.25 -7.62
C THR B 150 -11.37 -6.39 -6.12
N ILE B 151 -12.43 -6.59 -5.36
CA ILE B 151 -12.30 -6.69 -3.92
C ILE B 151 -11.59 -7.99 -3.51
N LEU B 152 -11.86 -9.09 -4.21
CA LEU B 152 -11.23 -10.37 -3.86
C LEU B 152 -9.75 -10.40 -4.23
N VAL B 153 -9.39 -9.74 -5.33
CA VAL B 153 -7.99 -9.72 -5.78
C VAL B 153 -7.08 -8.98 -4.82
N GLN B 154 -7.66 -8.08 -4.03
CA GLN B 154 -6.87 -7.41 -2.99
C GLN B 154 -6.32 -8.38 -1.94
N SER B 155 -6.79 -9.63 -1.95
CA SER B 155 -6.14 -10.67 -1.15
C SER B 155 -4.66 -10.86 -1.53
N TRP B 156 -4.26 -10.35 -2.70
CA TRP B 156 -2.84 -10.41 -3.09
C TRP B 156 -1.97 -9.85 -1.97
N TYR B 157 -2.46 -8.82 -1.31
CA TYR B 157 -1.62 -8.11 -0.35
C TYR B 157 -1.28 -8.93 0.91
N PRO B 158 -2.29 -9.41 1.66
CA PRO B 158 -1.92 -10.27 2.78
C PRO B 158 -1.20 -11.55 2.37
N ILE B 159 -1.54 -12.11 1.21
CA ILE B 159 -0.81 -13.27 0.71
C ILE B 159 0.67 -12.93 0.51
N THR B 160 0.93 -11.78 -0.11
CA THR B 160 2.29 -11.42 -0.46
C THR B 160 3.11 -11.01 0.78
N VAL B 161 2.49 -10.27 1.69
CA VAL B 161 3.19 -9.94 2.93
C VAL B 161 3.52 -11.22 3.71
N ALA B 162 2.53 -12.11 3.85
CA ALA B 162 2.76 -13.35 4.61
C ALA B 162 3.85 -14.20 3.97
N THR B 163 3.81 -14.31 2.64
CA THR B 163 4.79 -15.10 1.90
C THR B 163 6.19 -14.52 2.02
N ASN B 164 6.34 -13.22 1.79
CA ASN B 164 7.64 -12.58 1.87
C ASN B 164 8.20 -12.58 3.30
N SER B 165 7.32 -12.41 4.28
CA SER B 165 7.70 -12.52 5.68
C SER B 165 8.21 -13.93 5.98
N ARG B 166 7.50 -14.94 5.49
CA ARG B 166 7.91 -16.32 5.71
C ARG B 166 9.25 -16.64 5.02
N GLU B 167 9.49 -16.08 3.84
CA GLU B 167 10.76 -16.29 3.16
C GLU B 167 11.91 -15.70 3.96
N GLN B 168 11.67 -14.58 4.62
CA GLN B 168 12.69 -14.02 5.50
C GLN B 168 12.91 -14.90 6.72
N LYS B 169 11.83 -15.50 7.22
CA LYS B 169 11.95 -16.43 8.33
C LYS B 169 12.83 -17.63 7.97
N LYS B 170 12.73 -18.10 6.72
CA LYS B 170 13.59 -19.20 6.26
C LYS B 170 15.06 -18.82 6.31
N ILE B 171 15.37 -17.61 5.84
CA ILE B 171 16.75 -17.12 5.87
C ILE B 171 17.24 -17.05 7.31
N LEU B 172 16.45 -16.43 8.18
CA LEU B 172 16.83 -16.31 9.58
C LEU B 172 17.00 -17.68 10.23
N ALA B 173 16.09 -18.61 9.95
CA ALA B 173 16.18 -19.94 10.54
C ALA B 173 17.46 -20.64 10.13
N LYS B 174 17.79 -20.57 8.85
CA LYS B 174 18.99 -21.19 8.33
C LYS B 174 20.24 -20.70 9.04
N TYR B 175 20.36 -19.37 9.17
CA TYR B 175 21.57 -18.79 9.76
C TYR B 175 21.60 -18.90 11.29
N LEU B 176 20.43 -18.83 11.92
CA LEU B 176 20.38 -19.00 13.36
C LEU B 176 20.75 -20.45 13.71
N LEU B 177 20.22 -21.40 12.95
CA LEU B 177 20.54 -22.80 13.21
C LEU B 177 22.03 -23.05 13.02
N GLU B 178 22.58 -22.52 11.93
CA GLU B 178 24.00 -22.72 11.63
C GLU B 178 24.93 -22.10 12.68
N THR B 179 24.60 -20.90 13.15
CA THR B 179 25.50 -20.19 14.06
C THR B 179 25.26 -20.47 15.53
N SER B 180 24.13 -21.09 15.89
CA SER B 180 23.78 -21.29 17.29
C SER B 180 23.39 -22.72 17.65
N GLY B 181 23.00 -23.50 16.65
CA GLY B 181 22.60 -24.87 16.88
C GLY B 181 21.13 -25.06 17.23
N ASN B 182 20.37 -23.97 17.29
CA ASN B 182 18.96 -24.07 17.58
C ASN B 182 18.17 -22.90 16.98
N LEU B 183 16.86 -22.90 17.19
CA LEU B 183 16.01 -21.85 16.63
C LEU B 183 15.38 -20.98 17.72
N ASP B 184 15.94 -21.01 18.92
CA ASP B 184 15.38 -20.21 20.02
C ASP B 184 15.29 -18.74 19.65
N GLY B 185 14.10 -18.16 19.85
CA GLY B 185 13.88 -16.75 19.60
C GLY B 185 13.63 -16.38 18.15
N LEU B 186 13.61 -17.36 17.26
CA LEU B 186 13.38 -17.12 15.83
C LEU B 186 12.17 -16.22 15.58
N GLU B 187 11.09 -16.49 16.30
CA GLU B 187 9.83 -15.79 16.09
C GLU B 187 9.88 -14.32 16.50
N TYR B 188 10.98 -13.88 17.12
CA TYR B 188 11.15 -12.47 17.49
C TYR B 188 12.26 -11.78 16.70
N LYS B 189 12.79 -12.47 15.69
CA LYS B 189 13.96 -11.97 14.98
C LYS B 189 13.66 -10.96 13.88
N LEU B 190 12.41 -10.88 13.44
CA LEU B 190 12.03 -9.89 12.42
C LEU B 190 10.81 -9.14 12.93
N HIS B 191 11.02 -7.87 13.27
CA HIS B 191 10.00 -7.07 13.94
C HIS B 191 9.41 -6.06 12.97
N ASP B 192 8.08 -5.91 13.00
CA ASP B 192 7.35 -5.01 12.12
C ASP B 192 7.48 -3.55 12.60
N PHE B 193 8.17 -2.72 11.80
CA PHE B 193 8.31 -1.28 12.04
C PHE B 193 7.52 -0.47 11.00
N GLY B 194 6.59 -1.11 10.30
CA GLY B 194 6.01 -0.51 9.11
C GLY B 194 4.79 0.39 9.18
N TYR B 195 4.31 0.69 10.39
CA TYR B 195 3.05 1.42 10.53
C TYR B 195 3.05 2.76 9.76
N ARG B 196 4.11 3.56 9.93
CA ARG B 196 4.18 4.88 9.28
C ARG B 196 4.44 4.78 7.78
N GLY B 197 4.96 3.64 7.33
CA GLY B 197 5.43 3.50 5.97
C GLY B 197 4.47 2.81 5.02
N VAL B 198 3.28 2.48 5.50
CA VAL B 198 2.26 1.95 4.60
C VAL B 198 1.31 3.05 4.17
N SER B 199 0.43 2.70 3.24
CA SER B 199 -0.37 3.68 2.53
C SER B 199 -1.68 4.09 3.24
N SER B 200 -2.07 3.35 4.28
CA SER B 200 -3.29 3.67 5.01
C SER B 200 -3.38 2.89 6.33
N GLN B 201 -4.28 3.35 7.21
CA GLN B 201 -4.60 2.62 8.43
C GLN B 201 -5.08 1.19 8.14
N GLU B 202 -5.94 1.04 7.13
CA GLU B 202 -6.47 -0.30 6.86
C GLU B 202 -5.35 -1.23 6.40
N THR B 203 -4.50 -0.73 5.50
CA THR B 203 -3.35 -1.50 5.05
C THR B 203 -2.44 -1.89 6.22
N ALA B 204 -2.23 -0.98 7.15
CA ALA B 204 -1.38 -1.28 8.30
C ALA B 204 -1.89 -2.52 9.06
N GLY B 205 -3.19 -2.57 9.32
CA GLY B 205 -3.76 -3.69 10.05
C GLY B 205 -3.63 -4.99 9.28
N ILE B 206 -3.98 -4.95 7.99
CA ILE B 206 -3.92 -6.15 7.17
C ILE B 206 -2.48 -6.66 7.07
N GLY B 207 -1.56 -5.78 6.72
CA GLY B 207 -0.18 -6.16 6.54
C GLY B 207 0.47 -6.66 7.81
N ALA B 208 0.25 -5.94 8.92
CA ALA B 208 0.80 -6.37 10.19
C ALA B 208 0.29 -7.76 10.56
N SER B 209 -1.00 -8.00 10.30
CA SER B 209 -1.56 -9.30 10.64
C SER B 209 -0.90 -10.41 9.82
N ALA B 210 -0.57 -10.12 8.57
CA ALA B 210 0.08 -11.09 7.69
C ALA B 210 1.50 -11.43 8.17
N HIS B 211 2.22 -10.43 8.64
CA HIS B 211 3.54 -10.66 9.19
C HIS B 211 3.44 -11.56 10.44
N LEU B 212 2.39 -11.34 11.24
CA LEU B 212 2.20 -12.11 12.47
C LEU B 212 1.86 -13.59 12.23
N VAL B 213 1.58 -13.95 10.98
CA VAL B 213 1.43 -15.36 10.65
C VAL B 213 2.76 -16.11 10.91
N ASN B 214 3.88 -15.39 10.75
CA ASN B 214 5.21 -15.98 10.85
C ASN B 214 6.01 -15.59 12.10
N PHE B 215 5.75 -14.40 12.63
CA PHE B 215 6.51 -13.84 13.74
C PHE B 215 5.60 -13.33 14.85
N LYS B 216 6.17 -12.98 16.00
CA LYS B 216 5.39 -12.46 17.12
C LYS B 216 5.73 -11.02 17.52
N GLY B 217 6.66 -10.41 16.81
CA GLY B 217 7.08 -9.06 17.15
C GLY B 217 6.53 -8.00 16.22
N THR B 218 5.78 -7.05 16.78
CA THR B 218 5.25 -5.96 15.96
C THR B 218 5.09 -4.66 16.74
N ASP B 219 5.34 -3.54 16.07
CA ASP B 219 4.96 -2.23 16.62
C ASP B 219 3.76 -1.67 15.87
N THR B 220 3.25 -2.43 14.91
CA THR B 220 2.09 -1.97 14.15
C THR B 220 0.82 -2.45 14.85
N VAL B 221 0.40 -1.66 15.83
CA VAL B 221 -0.64 -2.03 16.78
C VAL B 221 -1.95 -2.42 16.08
N ALA B 222 -2.20 -1.82 14.92
CA ALA B 222 -3.40 -2.08 14.13
C ALA B 222 -3.63 -3.55 13.83
N GLY B 223 -2.53 -4.31 13.73
CA GLY B 223 -2.63 -5.73 13.43
C GLY B 223 -3.33 -6.53 14.52
N LEU B 224 -3.18 -6.10 15.77
CA LEU B 224 -3.72 -6.85 16.90
C LEU B 224 -5.24 -6.91 16.85
N ALA B 225 -5.88 -5.77 16.62
CA ALA B 225 -7.35 -5.68 16.64
C ALA B 225 -7.96 -6.43 15.46
N LEU B 226 -7.27 -6.41 14.33
CA LEU B 226 -7.76 -7.13 13.16
C LEU B 226 -7.80 -8.63 13.45
N ILE B 227 -6.70 -9.14 13.99
CA ILE B 227 -6.64 -10.56 14.32
C ILE B 227 -7.70 -10.95 15.35
N LYS B 228 -7.86 -10.15 16.39
CA LYS B 228 -8.85 -10.42 17.43
C LYS B 228 -10.28 -10.46 16.85
N LYS B 229 -10.56 -9.57 15.92
CA LYS B 229 -11.92 -9.46 15.37
C LYS B 229 -12.25 -10.54 14.35
N TYR B 230 -11.30 -10.83 13.46
CA TYR B 230 -11.59 -11.69 12.31
C TYR B 230 -11.06 -13.12 12.38
N TYR B 231 -10.10 -13.37 13.26
CA TYR B 231 -9.42 -14.65 13.30
C TYR B 231 -9.40 -15.28 14.68
N GLY B 232 -8.81 -14.57 15.64
CA GLY B 232 -8.80 -15.03 17.02
C GLY B 232 -7.60 -15.88 17.42
N THR B 233 -7.16 -15.70 18.66
CA THR B 233 -6.06 -16.49 19.19
C THR B 233 -6.37 -16.88 20.64
N LYS B 234 -5.80 -18.01 21.08
CA LYS B 234 -5.95 -18.46 22.46
C LYS B 234 -5.32 -17.46 23.42
N ASP B 235 -4.15 -16.95 23.05
CA ASP B 235 -3.46 -15.95 23.86
C ASP B 235 -4.18 -14.59 23.78
N PRO B 236 -4.05 -13.76 24.80
CA PRO B 236 -4.68 -12.42 24.77
C PRO B 236 -4.33 -11.60 23.52
N VAL B 237 -3.06 -11.60 23.11
CA VAL B 237 -2.65 -10.89 21.89
C VAL B 237 -1.73 -11.75 21.03
N PRO B 238 -1.72 -11.49 19.70
CA PRO B 238 -0.89 -12.29 18.81
C PRO B 238 0.54 -11.76 18.69
N GLY B 239 0.77 -10.53 19.13
CA GLY B 239 2.07 -9.92 18.94
C GLY B 239 2.49 -9.03 20.09
N TYR B 240 3.80 -8.83 20.20
CA TYR B 240 4.40 -8.21 21.37
C TYR B 240 5.46 -7.18 21.01
N SER B 241 5.72 -6.27 21.94
CA SER B 241 6.82 -5.32 21.77
C SER B 241 7.50 -5.01 23.11
N VAL B 242 8.50 -4.14 23.06
CA VAL B 242 9.22 -3.70 24.26
C VAL B 242 9.44 -2.20 24.18
N PRO B 243 9.69 -1.56 25.32
CA PRO B 243 9.98 -0.12 25.30
C PRO B 243 11.21 0.19 24.44
N ALA B 244 11.17 1.35 23.78
CA ALA B 244 12.25 1.73 22.89
C ALA B 244 12.26 3.23 22.68
N ALA B 245 13.46 3.79 22.46
CA ALA B 245 13.61 5.21 22.14
C ALA B 245 13.39 5.50 20.66
N GLU B 246 13.05 6.76 20.36
CA GLU B 246 13.16 7.27 19.00
C GLU B 246 14.13 8.44 19.03
N HIS B 247 14.50 8.98 17.87
CA HIS B 247 15.47 10.05 17.87
C HIS B 247 14.99 11.24 18.70
N SER B 248 13.69 11.55 18.67
CA SER B 248 13.21 12.71 19.42
C SER B 248 13.45 12.58 20.93
N THR B 249 13.37 11.36 21.47
CA THR B 249 13.58 11.23 22.92
C THR B 249 15.06 11.25 23.31
N ILE B 250 15.94 11.16 22.32
CA ILE B 250 17.37 11.37 22.54
C ILE B 250 17.72 12.84 22.27
N THR B 251 17.35 13.32 21.09
CA THR B 251 17.79 14.65 20.65
C THR B 251 17.18 15.78 21.47
N ALA B 252 16.02 15.53 22.07
CA ALA B 252 15.34 16.55 22.89
C ALA B 252 16.21 17.02 24.04
N TRP B 253 17.17 16.20 24.45
CA TRP B 253 18.03 16.50 25.59
C TRP B 253 19.13 17.50 25.22
N GLY B 254 19.30 17.74 23.93
CA GLY B 254 20.38 18.57 23.43
C GLY B 254 21.57 17.72 23.05
N LYS B 255 22.32 18.16 22.04
CA LYS B 255 23.44 17.39 21.49
C LYS B 255 24.49 17.02 22.54
N ASP B 256 24.74 17.92 23.48
CA ASP B 256 25.77 17.70 24.49
C ASP B 256 25.34 16.73 25.59
N HIS B 257 24.08 16.29 25.53
CA HIS B 257 23.51 15.49 26.61
C HIS B 257 22.95 14.14 26.17
N GLU B 258 23.52 13.60 25.10
CA GLU B 258 23.14 12.27 24.64
C GLU B 258 23.34 11.24 25.76
N LYS B 259 24.43 11.36 26.50
CA LYS B 259 24.70 10.44 27.62
C LYS B 259 23.60 10.53 28.67
N ASP B 260 23.17 11.74 28.99
CA ASP B 260 22.10 11.92 29.97
C ASP B 260 20.79 11.27 29.51
N ALA B 261 20.50 11.38 28.22
CA ALA B 261 19.31 10.75 27.66
C ALA B 261 19.38 9.23 27.82
N PHE B 262 20.49 8.65 27.38
CA PHE B 262 20.71 7.20 27.48
C PHE B 262 20.54 6.73 28.92
N GLU B 263 21.17 7.45 29.86
CA GLU B 263 21.13 7.05 31.27
C GLU B 263 19.71 7.08 31.82
N HIS B 264 18.99 8.15 31.48
CA HIS B 264 17.62 8.30 31.93
C HIS B 264 16.75 7.16 31.41
N ILE B 265 16.90 6.87 30.13
CA ILE B 265 16.06 5.86 29.49
C ILE B 265 16.30 4.45 30.01
N VAL B 266 17.56 4.03 30.12
CA VAL B 266 17.83 2.67 30.62
C VAL B 266 17.47 2.53 32.10
N THR B 267 17.50 3.63 32.84
CA THR B 267 17.12 3.61 34.26
C THR B 267 15.59 3.57 34.42
N GLN B 268 14.88 4.27 33.55
CA GLN B 268 13.42 4.20 33.52
C GLN B 268 12.92 2.80 33.18
N PHE B 269 13.66 2.11 32.31
CA PHE B 269 13.31 0.76 31.90
C PHE B 269 14.41 -0.21 32.28
N SER B 270 14.66 -0.32 33.58
CA SER B 270 15.80 -1.07 34.08
C SER B 270 15.53 -2.57 34.22
N SER B 271 14.26 -2.96 34.16
CA SER B 271 13.89 -4.34 34.44
C SER B 271 13.10 -5.02 33.32
N VAL B 272 13.02 -4.36 32.17
CA VAL B 272 12.45 -4.94 30.96
C VAL B 272 13.45 -4.68 29.83
N PRO B 273 13.35 -5.42 28.71
CA PRO B 273 14.28 -5.08 27.62
C PRO B 273 14.03 -3.67 27.14
N VAL B 274 15.07 -2.98 26.68
CA VAL B 274 14.86 -1.64 26.14
C VAL B 274 15.76 -1.42 24.92
N SER B 275 15.16 -0.94 23.85
CA SER B 275 15.90 -0.60 22.63
C SER B 275 16.21 0.88 22.62
N VAL B 276 17.47 1.22 22.38
CA VAL B 276 17.87 2.62 22.38
C VAL B 276 18.61 3.01 21.10
N VAL B 277 17.96 3.82 20.28
CA VAL B 277 18.57 4.30 19.05
C VAL B 277 19.83 5.14 19.36
N SER B 278 20.93 4.77 18.72
CA SER B 278 22.23 5.23 19.18
C SER B 278 23.01 6.03 18.13
N ASP B 279 22.35 6.38 17.02
CA ASP B 279 23.06 7.00 15.90
C ASP B 279 22.72 8.46 15.68
N SER B 280 22.09 9.10 16.66
CA SER B 280 21.63 10.50 16.48
C SER B 280 22.75 11.41 16.00
N TYR B 281 23.97 11.19 16.50
CA TYR B 281 25.11 12.03 16.13
C TYR B 281 26.31 11.21 15.65
N ASP B 282 26.66 10.17 16.40
CA ASP B 282 27.81 9.34 16.06
C ASP B 282 27.63 7.97 16.70
N ILE B 283 27.11 7.03 15.92
CA ILE B 283 26.84 5.66 16.39
C ILE B 283 28.07 5.00 17.01
N TYR B 284 29.23 5.25 16.42
CA TYR B 284 30.45 4.57 16.86
C TYR B 284 30.94 5.10 18.20
N ASN B 285 30.86 6.43 18.36
CA ASN B 285 31.12 7.06 19.64
C ASN B 285 30.14 6.61 20.71
N ALA B 286 28.87 6.53 20.33
CA ALA B 286 27.85 6.10 21.28
C ALA B 286 28.16 4.71 21.81
N CYS B 287 28.49 3.80 20.89
CA CYS B 287 28.79 2.42 21.30
C CYS B 287 30.08 2.30 22.11
N GLU B 288 31.14 2.94 21.64
CA GLU B 288 32.44 2.74 22.27
C GLU B 288 32.62 3.54 23.56
N LYS B 289 32.24 4.82 23.52
CA LYS B 289 32.49 5.71 24.65
C LYS B 289 31.30 5.85 25.60
N ILE B 290 30.10 6.02 25.08
CA ILE B 290 28.96 6.23 25.96
C ILE B 290 28.49 4.93 26.60
N TRP B 291 28.05 3.99 25.76
CA TRP B 291 27.67 2.67 26.29
C TRP B 291 28.87 1.90 26.83
N GLY B 292 29.97 1.95 26.09
CA GLY B 292 31.10 1.09 26.37
C GLY B 292 32.00 1.53 27.52
N GLU B 293 31.86 2.79 27.91
CA GLU B 293 32.68 3.36 28.98
C GLU B 293 31.83 4.10 30.02
N ASP B 294 31.24 5.22 29.63
CA ASP B 294 30.54 6.09 30.57
C ASP B 294 29.38 5.44 31.31
N LEU B 295 28.62 4.62 30.59
CA LEU B 295 27.42 4.00 31.13
C LEU B 295 27.52 2.48 31.25
N ARG B 296 28.74 1.95 31.06
CA ARG B 296 28.94 0.50 31.05
C ARG B 296 28.40 -0.16 32.32
N HIS B 297 28.52 0.53 33.45
CA HIS B 297 28.08 -0.01 34.73
C HIS B 297 26.56 -0.21 34.80
N LEU B 298 25.82 0.53 33.98
CA LEU B 298 24.37 0.41 33.94
C LEU B 298 23.93 -0.70 33.01
N ILE B 299 24.86 -1.21 32.22
CA ILE B 299 24.54 -2.23 31.25
CA ILE B 299 24.57 -2.23 31.22
C ILE B 299 24.90 -3.62 31.78
N VAL B 300 26.10 -3.76 32.33
CA VAL B 300 26.55 -5.08 32.81
C VAL B 300 25.78 -5.56 34.04
N SER B 301 24.99 -4.67 34.64
CA SER B 301 24.17 -4.99 35.80
C SER B 301 22.78 -5.52 35.44
N ARG B 302 22.44 -5.50 34.15
CA ARG B 302 21.09 -5.84 33.71
C ARG B 302 20.83 -7.35 33.62
N SER B 303 19.56 -7.72 33.78
CA SER B 303 19.10 -9.11 33.69
C SER B 303 19.15 -9.63 32.25
N THR B 304 19.29 -10.94 32.08
CA THR B 304 19.24 -11.49 30.72
C THR B 304 17.82 -11.42 30.16
N GLN B 305 16.85 -11.24 31.05
CA GLN B 305 15.46 -11.03 30.65
C GLN B 305 15.20 -9.56 30.33
N ALA B 306 16.20 -8.71 30.56
CA ALA B 306 16.05 -7.27 30.35
C ALA B 306 17.28 -6.63 29.69
N PRO B 307 17.68 -7.12 28.50
CA PRO B 307 18.90 -6.58 27.90
C PRO B 307 18.72 -5.16 27.39
N LEU B 308 19.83 -4.43 27.31
CA LEU B 308 19.90 -3.26 26.44
C LEU B 308 20.01 -3.74 25.00
N ILE B 309 19.17 -3.19 24.14
CA ILE B 309 19.25 -3.49 22.72
C ILE B 309 19.69 -2.22 22.01
N ILE B 310 20.94 -2.21 21.54
CA ILE B 310 21.48 -1.04 20.84
C ILE B 310 20.96 -1.02 19.41
N ARG B 311 20.47 0.14 18.99
CA ARG B 311 19.87 0.28 17.66
C ARG B 311 20.60 1.30 16.78
N PRO B 312 21.47 0.81 15.88
CA PRO B 312 21.95 1.73 14.82
C PRO B 312 20.80 1.98 13.85
N ASP B 313 20.87 3.05 13.06
CA ASP B 313 19.76 3.38 12.16
C ASP B 313 20.21 4.14 10.91
N SER B 314 21.50 4.01 10.55
CA SER B 314 22.02 4.73 9.38
C SER B 314 23.36 4.15 8.95
N GLY B 315 23.78 4.48 7.73
CA GLY B 315 24.99 3.91 7.18
C GLY B 315 24.66 2.65 6.40
N ASN B 316 25.67 2.08 5.75
CA ASN B 316 25.50 0.80 5.07
C ASN B 316 25.10 -0.22 6.12
N PRO B 317 23.95 -0.89 5.93
CA PRO B 317 23.47 -1.81 6.97
C PRO B 317 24.47 -2.89 7.40
N LEU B 318 25.07 -3.63 6.47
CA LEU B 318 26.05 -4.64 6.85
C LEU B 318 27.28 -4.05 7.52
N ASP B 319 27.89 -3.05 6.88
CA ASP B 319 29.10 -2.44 7.42
C ASP B 319 28.88 -1.90 8.83
N THR B 320 27.72 -1.30 9.05
CA THR B 320 27.42 -0.68 10.33
C THR B 320 27.20 -1.73 11.42
N VAL B 321 26.45 -2.78 11.09
CA VAL B 321 26.25 -3.88 12.02
C VAL B 321 27.58 -4.50 12.42
N LEU B 322 28.44 -4.78 11.43
CA LEU B 322 29.74 -5.38 11.72
C LEU B 322 30.61 -4.49 12.61
N LYS B 323 30.60 -3.19 12.35
CA LYS B 323 31.42 -2.27 13.14
C LYS B 323 30.87 -2.10 14.56
N VAL B 324 29.55 -2.00 14.68
CA VAL B 324 28.92 -1.97 16.00
C VAL B 324 29.29 -3.22 16.82
N LEU B 325 29.17 -4.39 16.21
CA LEU B 325 29.55 -5.63 16.90
C LEU B 325 31.03 -5.66 17.30
N GLU B 326 31.89 -5.23 16.39
CA GLU B 326 33.34 -5.14 16.63
C GLU B 326 33.63 -4.24 17.84
N ILE B 327 33.00 -3.07 17.86
CA ILE B 327 33.14 -2.14 18.97
C ILE B 327 32.68 -2.76 20.29
N LEU B 328 31.47 -3.30 20.30
CA LEU B 328 30.91 -3.85 21.52
C LEU B 328 31.71 -5.05 22.01
N GLY B 329 32.24 -5.83 21.08
CA GLY B 329 33.03 -6.99 21.42
C GLY B 329 34.32 -6.68 22.15
N LYS B 330 34.80 -5.44 22.00
CA LYS B 330 36.03 -5.04 22.67
C LYS B 330 35.76 -4.33 23.98
N LYS B 331 34.51 -3.93 24.20
CA LYS B 331 34.13 -3.24 25.44
C LYS B 331 33.38 -4.14 26.43
N PHE B 332 32.84 -5.24 25.93
CA PHE B 332 32.04 -6.14 26.76
C PHE B 332 32.56 -7.58 26.65
N PRO B 333 32.29 -8.41 27.67
CA PRO B 333 32.82 -9.77 27.59
C PRO B 333 32.10 -10.61 26.54
N VAL B 334 32.86 -11.13 25.59
CA VAL B 334 32.30 -11.96 24.52
C VAL B 334 32.65 -13.42 24.80
N THR B 335 31.71 -14.31 24.52
CA THR B 335 31.96 -15.74 24.66
C THR B 335 31.95 -16.39 23.28
N GLU B 336 32.34 -17.65 23.22
CA GLU B 336 32.25 -18.39 21.99
C GLU B 336 31.28 -19.53 22.25
N ASN B 337 30.20 -19.58 21.47
CA ASN B 337 29.17 -20.59 21.70
C ASN B 337 29.63 -21.97 21.20
N SER B 338 28.79 -22.98 21.33
CA SER B 338 29.20 -24.34 21.02
C SER B 338 29.46 -24.58 19.53
N LYS B 339 29.02 -23.65 18.68
CA LYS B 339 29.22 -23.79 17.24
C LYS B 339 30.45 -23.00 16.78
N GLY B 340 31.10 -22.32 17.72
CA GLY B 340 32.32 -21.58 17.43
C GLY B 340 32.09 -20.12 17.07
N TYR B 341 30.88 -19.63 17.29
CA TYR B 341 30.51 -18.25 16.95
C TYR B 341 30.51 -17.32 18.17
N LYS B 342 30.86 -16.05 17.92
CA LYS B 342 30.97 -15.07 19.00
C LYS B 342 29.61 -14.60 19.48
N LEU B 343 29.51 -14.41 20.79
CA LEU B 343 28.25 -14.08 21.44
C LEU B 343 28.45 -12.99 22.47
N LEU B 344 27.72 -11.88 22.31
CA LEU B 344 27.70 -10.83 23.31
C LEU B 344 27.10 -11.35 24.61
N PRO B 345 27.39 -10.68 25.73
CA PRO B 345 26.80 -11.14 27.00
C PRO B 345 25.27 -10.99 26.94
N PRO B 346 24.54 -11.78 27.73
CA PRO B 346 23.08 -11.85 27.56
C PRO B 346 22.33 -10.55 27.87
N TYR B 347 22.97 -9.58 28.51
CA TYR B 347 22.34 -8.29 28.79
C TYR B 347 22.53 -7.29 27.65
N LEU B 348 23.12 -7.72 26.54
CA LEU B 348 23.41 -6.79 25.45
C LEU B 348 23.11 -7.39 24.08
N ARG B 349 22.29 -6.72 23.30
CA ARG B 349 21.94 -7.19 21.95
C ARG B 349 21.90 -6.00 21.00
N VAL B 350 21.72 -6.29 19.71
CA VAL B 350 21.65 -5.25 18.69
C VAL B 350 20.41 -5.44 17.83
N ILE B 351 19.78 -4.35 17.41
CA ILE B 351 18.73 -4.45 16.39
C ILE B 351 19.02 -3.53 15.22
N GLN B 352 19.01 -4.09 14.02
CA GLN B 352 19.16 -3.28 12.81
C GLN B 352 17.79 -3.07 12.20
N GLY B 353 17.35 -1.82 12.18
CA GLY B 353 16.01 -1.50 11.71
C GLY B 353 15.97 -0.46 10.62
N ASP B 354 17.09 -0.31 9.90
CA ASP B 354 17.18 0.61 8.78
C ASP B 354 17.57 -0.15 7.51
N GLY B 355 16.84 0.08 6.42
CA GLY B 355 17.19 -0.49 5.14
C GLY B 355 17.06 -2.00 5.03
N VAL B 356 16.23 -2.57 5.90
CA VAL B 356 16.06 -4.01 5.91
C VAL B 356 14.93 -4.48 4.98
N ASP B 357 15.30 -5.28 3.98
CA ASP B 357 14.32 -6.02 3.18
C ASP B 357 14.85 -7.43 3.01
N ILE B 358 14.16 -8.27 2.25
CA ILE B 358 14.60 -9.65 2.15
C ILE B 358 16.03 -9.78 1.60
N ASN B 359 16.41 -8.89 0.69
CA ASN B 359 17.76 -8.94 0.12
C ASN B 359 18.84 -8.52 1.10
N THR B 360 18.63 -7.40 1.79
CA THR B 360 19.67 -6.92 2.70
C THR B 360 19.73 -7.76 3.97
N LEU B 361 18.59 -8.36 4.34
CA LEU B 361 18.56 -9.30 5.47
C LEU B 361 19.55 -10.44 5.21
N GLN B 362 19.44 -11.04 4.03
CA GLN B 362 20.34 -12.10 3.60
C GLN B 362 21.80 -11.63 3.64
N GLU B 363 22.05 -10.42 3.14
CA GLU B 363 23.42 -9.90 3.09
C GLU B 363 24.00 -9.73 4.49
N ILE B 364 23.18 -9.25 5.42
CA ILE B 364 23.67 -9.00 6.77
C ILE B 364 23.97 -10.29 7.51
N VAL B 365 23.06 -11.26 7.47
CA VAL B 365 23.33 -12.50 8.20
C VAL B 365 24.51 -13.28 7.63
N GLU B 366 24.66 -13.27 6.30
CA GLU B 366 25.83 -13.91 5.69
C GLU B 366 27.12 -13.19 6.07
N GLY B 367 27.09 -11.86 6.10
CA GLY B 367 28.26 -11.09 6.48
C GLY B 367 28.64 -11.34 7.94
N MET B 368 27.64 -11.42 8.80
CA MET B 368 27.88 -11.76 10.21
C MET B 368 28.48 -13.15 10.35
N LYS B 369 27.90 -14.12 9.63
CA LYS B 369 28.45 -15.48 9.66
C LYS B 369 29.91 -15.51 9.24
N GLN B 370 30.25 -14.80 8.15
CA GLN B 370 31.62 -14.79 7.67
C GLN B 370 32.59 -14.17 8.68
N LYS B 371 32.08 -13.24 9.49
CA LYS B 371 32.91 -12.61 10.54
C LYS B 371 32.77 -13.32 11.89
N MET B 372 32.16 -14.51 11.88
CA MET B 372 32.05 -15.36 13.07
C MET B 372 31.19 -14.82 14.21
N TRP B 373 30.17 -14.02 13.84
CA TRP B 373 29.20 -13.51 14.82
C TRP B 373 27.91 -14.34 14.76
N SER B 374 27.48 -14.84 15.91
CA SER B 374 26.22 -15.57 15.98
C SER B 374 25.02 -14.68 15.64
N ILE B 375 24.04 -15.25 14.97
CA ILE B 375 22.80 -14.53 14.69
C ILE B 375 22.00 -14.31 15.98
N GLU B 376 22.38 -15.02 17.06
CA GLU B 376 21.78 -14.75 18.37
C GLU B 376 21.94 -13.29 18.78
N ASN B 377 22.99 -12.66 18.28
CA ASN B 377 23.32 -11.29 18.69
C ASN B 377 22.38 -10.24 18.17
N ILE B 378 21.66 -10.56 17.11
CA ILE B 378 20.97 -9.54 16.34
C ILE B 378 19.49 -9.83 16.14
N ALA B 379 18.69 -8.77 16.05
CA ALA B 379 17.34 -8.86 15.52
C ALA B 379 17.19 -7.81 14.44
N PHE B 380 16.15 -7.93 13.65
CA PHE B 380 15.91 -7.01 12.56
C PHE B 380 14.57 -6.35 12.71
N GLY B 381 14.52 -5.07 12.33
CA GLY B 381 13.26 -4.37 12.17
C GLY B 381 13.11 -4.02 10.70
N SER B 382 11.90 -4.17 10.17
CA SER B 382 11.66 -3.84 8.78
C SER B 382 10.32 -3.14 8.68
N GLY B 383 10.26 -2.05 7.91
CA GLY B 383 9.07 -1.25 7.81
C GLY B 383 8.52 -1.27 6.40
N GLY B 384 8.94 -0.30 5.59
CA GLY B 384 8.53 -0.26 4.19
C GLY B 384 8.86 -1.55 3.45
N GLY B 385 10.04 -2.13 3.73
CA GLY B 385 10.43 -3.36 3.06
C GLY B 385 9.49 -4.52 3.36
N LEU B 386 8.93 -4.51 4.56
CA LEU B 386 8.07 -5.60 5.02
C LEU B 386 6.62 -5.45 4.56
N LEU B 387 6.12 -4.22 4.60
CA LEU B 387 4.68 -4.00 4.41
C LEU B 387 4.28 -3.16 3.18
N GLN B 388 5.22 -2.44 2.58
CA GLN B 388 4.86 -1.52 1.52
C GLN B 388 5.51 -1.80 0.16
N LYS B 389 6.77 -2.21 0.18
CA LYS B 389 7.54 -2.43 -1.04
C LYS B 389 7.23 -3.79 -1.64
N LEU B 390 5.96 -3.97 -2.00
CA LEU B 390 5.43 -5.21 -2.54
C LEU B 390 4.32 -4.86 -3.52
N THR B 391 4.20 -5.62 -4.61
CA THR B 391 3.12 -5.40 -5.57
C THR B 391 2.49 -6.73 -5.97
N ARG B 392 1.37 -6.63 -6.67
CA ARG B 392 0.60 -7.79 -7.11
C ARG B 392 1.41 -8.62 -8.14
N ASP B 393 2.41 -7.98 -8.76
CA ASP B 393 3.27 -8.66 -9.72
C ASP B 393 4.27 -9.63 -9.11
N LEU B 394 4.58 -9.48 -7.82
CA LEU B 394 5.61 -10.31 -7.20
C LEU B 394 5.26 -11.79 -7.31
N LEU B 395 4.02 -12.12 -6.97
CA LEU B 395 3.55 -13.50 -7.05
C LEU B 395 2.55 -13.72 -8.19
N ASN B 396 2.34 -12.69 -9.01
CA ASN B 396 1.38 -12.76 -10.12
C ASN B 396 0.00 -13.21 -9.65
N CYS B 397 -0.49 -12.58 -8.60
CA CYS B 397 -1.82 -12.86 -8.05
C CYS B 397 -2.87 -12.39 -9.04
N SER B 398 -3.76 -13.30 -9.47
CA SER B 398 -4.60 -13.01 -10.60
C SER B 398 -5.92 -13.79 -10.57
N PHE B 399 -6.98 -13.16 -11.07
CA PHE B 399 -8.34 -13.70 -11.04
C PHE B 399 -8.82 -13.79 -12.48
N LYS B 400 -9.30 -14.96 -12.88
CA LYS B 400 -9.70 -15.20 -14.26
C LYS B 400 -10.93 -16.10 -14.37
N CYS B 401 -11.75 -15.85 -15.40
CA CYS B 401 -12.88 -16.72 -15.70
C CYS B 401 -12.39 -17.96 -16.44
N SER B 402 -12.77 -19.15 -15.96
CA SER B 402 -12.37 -20.40 -16.60
C SER B 402 -13.53 -21.25 -17.13
N TYR B 403 -14.76 -20.92 -16.75
CA TYR B 403 -15.91 -21.73 -17.14
C TYR B 403 -17.17 -20.88 -17.19
N VAL B 404 -17.95 -21.04 -18.26
CA VAL B 404 -19.25 -20.39 -18.33
C VAL B 404 -20.29 -21.39 -18.80
N VAL B 405 -21.54 -21.08 -18.53
CA VAL B 405 -22.64 -21.83 -19.11
C VAL B 405 -23.51 -20.85 -19.89
N THR B 406 -23.72 -21.14 -21.17
CA THR B 406 -24.51 -20.29 -22.05
C THR B 406 -25.43 -21.20 -22.84
N ASN B 407 -26.71 -20.84 -22.91
CA ASN B 407 -27.73 -21.69 -23.54
C ASN B 407 -27.68 -23.12 -23.00
N GLY B 408 -27.39 -23.26 -21.71
CA GLY B 408 -27.37 -24.55 -21.05
C GLY B 408 -26.14 -25.40 -21.33
N LEU B 409 -25.21 -24.86 -22.11
CA LEU B 409 -23.98 -25.58 -22.45
C LEU B 409 -22.78 -25.01 -21.68
N GLY B 410 -22.06 -25.89 -20.99
CA GLY B 410 -20.85 -25.48 -20.30
C GLY B 410 -19.73 -25.39 -21.29
N ILE B 411 -18.93 -24.32 -21.17
CA ILE B 411 -17.81 -24.05 -22.06
C ILE B 411 -16.57 -23.75 -21.22
N ASN B 412 -15.45 -24.40 -21.53
CA ASN B 412 -14.18 -24.11 -20.86
C ASN B 412 -13.50 -22.95 -21.55
N VAL B 413 -13.25 -21.88 -20.80
CA VAL B 413 -12.75 -20.64 -21.39
C VAL B 413 -11.43 -20.21 -20.73
N PHE B 414 -10.67 -19.38 -21.44
CA PHE B 414 -9.32 -19.05 -21.02
C PHE B 414 -8.77 -17.94 -21.90
N LYS B 415 -7.70 -17.29 -21.44
CA LYS B 415 -6.91 -16.40 -22.28
C LYS B 415 -5.57 -17.06 -22.55
N ASP B 416 -4.92 -16.67 -23.64
CA ASP B 416 -3.64 -17.25 -24.01
C ASP B 416 -2.92 -16.29 -24.96
N PRO B 417 -2.45 -15.15 -24.44
CA PRO B 417 -1.91 -14.10 -25.32
C PRO B 417 -0.66 -14.56 -26.07
N VAL B 418 -0.62 -14.34 -27.38
CA VAL B 418 0.44 -14.88 -28.24
C VAL B 418 1.84 -14.46 -27.80
N ALA B 419 1.98 -13.25 -27.29
CA ALA B 419 3.30 -12.73 -26.96
C ALA B 419 3.70 -12.93 -25.50
N ASP B 420 2.83 -13.56 -24.71
CA ASP B 420 3.20 -13.85 -23.33
C ASP B 420 2.52 -15.09 -22.80
N PRO B 421 3.14 -16.25 -23.01
CA PRO B 421 2.58 -17.51 -22.50
C PRO B 421 2.47 -17.54 -20.96
N ASN B 422 3.21 -16.68 -20.27
CA ASN B 422 3.10 -16.61 -18.82
C ASN B 422 1.73 -16.13 -18.37
N LYS B 423 0.98 -15.48 -19.28
CA LYS B 423 -0.35 -14.99 -18.94
C LYS B 423 -1.49 -15.92 -19.34
N ARG B 424 -1.15 -17.09 -19.87
CA ARG B 424 -2.16 -18.11 -20.17
C ARG B 424 -2.90 -18.47 -18.87
N SER B 425 -4.21 -18.59 -18.96
CA SER B 425 -5.02 -18.97 -17.80
C SER B 425 -5.57 -20.39 -17.91
N LYS B 426 -6.06 -20.92 -16.78
CA LYS B 426 -6.53 -22.31 -16.72
C LYS B 426 -7.89 -22.47 -17.35
N LYS B 427 -8.20 -23.69 -17.79
CA LYS B 427 -9.44 -23.96 -18.51
C LYS B 427 -10.43 -24.80 -17.69
N GLY B 428 -11.68 -24.37 -17.65
CA GLY B 428 -12.74 -25.19 -17.11
C GLY B 428 -12.87 -25.19 -15.60
N ARG B 429 -13.68 -26.09 -15.10
CA ARG B 429 -13.86 -26.26 -13.66
C ARG B 429 -12.59 -26.82 -13.03
N LEU B 430 -12.19 -26.22 -11.90
CA LEU B 430 -10.91 -26.52 -11.28
C LEU B 430 -11.09 -27.21 -9.93
N SER B 431 -10.09 -28.00 -9.56
CA SER B 431 -10.04 -28.62 -8.24
C SER B 431 -8.59 -28.84 -7.84
N LEU B 432 -8.35 -28.89 -6.53
CA LEU B 432 -6.99 -29.01 -6.01
C LEU B 432 -6.86 -30.39 -5.36
N HIS B 433 -5.77 -31.08 -5.68
CA HIS B 433 -5.60 -32.46 -5.22
C HIS B 433 -4.20 -32.74 -4.70
N ARG B 434 -4.10 -33.82 -3.92
CA ARG B 434 -2.83 -34.42 -3.57
C ARG B 434 -2.40 -35.36 -4.69
N THR B 435 -1.12 -35.29 -5.08
CA THR B 435 -0.56 -36.26 -6.03
C THR B 435 -0.14 -37.52 -5.27
N PRO B 436 0.20 -38.60 -6.00
CA PRO B 436 0.66 -39.79 -5.28
C PRO B 436 1.91 -39.56 -4.41
N ALA B 437 2.74 -38.58 -4.77
CA ALA B 437 3.94 -38.31 -3.99
C ALA B 437 3.65 -37.33 -2.85
N GLY B 438 2.40 -36.89 -2.76
CA GLY B 438 1.97 -36.01 -1.68
C GLY B 438 2.10 -34.53 -1.97
N ASN B 439 2.33 -34.19 -3.23
CA ASN B 439 2.40 -32.78 -3.64
C ASN B 439 1.02 -32.27 -4.04
N PHE B 440 0.94 -30.97 -4.36
CA PHE B 440 -0.32 -30.42 -4.86
C PHE B 440 -0.38 -30.46 -6.37
N VAL B 441 -1.59 -30.68 -6.91
CA VAL B 441 -1.84 -30.53 -8.34
C VAL B 441 -3.21 -29.91 -8.55
N THR B 442 -3.32 -29.01 -9.52
CA THR B 442 -4.60 -28.43 -9.89
C THR B 442 -5.12 -29.13 -11.14
N LEU B 443 -6.30 -29.73 -11.06
CA LEU B 443 -6.89 -30.37 -12.22
C LEU B 443 -7.86 -29.42 -12.92
N GLU B 444 -7.77 -29.38 -14.25
CA GLU B 444 -8.59 -28.49 -15.07
C GLU B 444 -9.67 -29.27 -15.80
N GLU B 445 -10.56 -28.54 -16.47
CA GLU B 445 -11.56 -29.13 -17.35
C GLU B 445 -12.49 -30.11 -16.63
N GLY B 446 -12.70 -29.88 -15.34
CA GLY B 446 -13.56 -30.73 -14.55
C GLY B 446 -13.03 -32.11 -14.27
N LYS B 447 -11.76 -32.34 -14.60
CA LYS B 447 -11.16 -33.68 -14.48
C LYS B 447 -11.11 -34.22 -13.06
N GLY B 448 -11.24 -33.34 -12.07
CA GLY B 448 -11.36 -33.78 -10.69
C GLY B 448 -12.52 -34.74 -10.50
N ASP B 449 -13.58 -34.56 -11.28
CA ASP B 449 -14.77 -35.40 -11.19
C ASP B 449 -14.50 -36.86 -11.53
N LEU B 450 -13.41 -37.13 -12.23
CA LEU B 450 -13.07 -38.51 -12.59
C LEU B 450 -12.59 -39.31 -11.38
N GLU B 451 -12.29 -38.61 -10.29
CA GLU B 451 -11.88 -39.23 -9.03
C GLU B 451 -10.65 -40.12 -9.16
N GLU B 452 -9.69 -39.69 -9.96
CA GLU B 452 -8.44 -40.43 -10.12
C GLU B 452 -7.38 -39.83 -9.23
N TYR B 453 -7.72 -38.69 -8.62
CA TYR B 453 -6.80 -37.95 -7.77
C TYR B 453 -7.41 -37.68 -6.41
N GLY B 454 -8.36 -38.52 -6.00
CA GLY B 454 -9.03 -38.34 -4.72
C GLY B 454 -9.86 -37.07 -4.62
N GLN B 455 -10.09 -36.63 -3.38
CA GLN B 455 -11.02 -35.54 -3.13
C GLN B 455 -10.41 -34.16 -3.36
N ASP B 456 -11.26 -33.22 -3.76
CA ASP B 456 -10.90 -31.81 -3.90
C ASP B 456 -10.54 -31.25 -2.53
N LEU B 457 -9.39 -30.58 -2.47
CA LEU B 457 -8.88 -30.01 -1.22
C LEU B 457 -9.44 -28.64 -0.88
N LEU B 458 -10.10 -27.98 -1.85
CA LEU B 458 -10.78 -26.72 -1.55
C LEU B 458 -11.99 -26.99 -0.64
N HIS B 459 -12.31 -26.01 0.19
CA HIS B 459 -13.50 -26.06 1.06
C HIS B 459 -14.42 -24.91 0.71
N THR B 460 -15.73 -25.14 0.76
CA THR B 460 -16.65 -24.02 0.60
C THR B 460 -16.49 -23.09 1.81
N VAL B 461 -16.10 -21.85 1.55
CA VAL B 461 -15.90 -20.87 2.63
C VAL B 461 -16.98 -19.77 2.66
N PHE B 462 -17.71 -19.61 1.56
CA PHE B 462 -18.76 -18.59 1.46
C PHE B 462 -19.86 -19.13 0.58
N LYS B 463 -21.11 -18.98 1.02
CA LYS B 463 -22.23 -19.38 0.19
C LYS B 463 -23.46 -18.54 0.51
N ASN B 464 -23.97 -17.83 -0.49
CA ASN B 464 -25.23 -17.11 -0.37
C ASN B 464 -25.28 -16.19 0.84
N GLY B 465 -24.21 -15.40 0.99
CA GLY B 465 -24.15 -14.39 2.02
C GLY B 465 -23.62 -14.85 3.37
N LYS B 466 -23.27 -16.13 3.48
CA LYS B 466 -22.79 -16.67 4.77
C LYS B 466 -21.37 -17.21 4.66
N VAL B 467 -20.56 -16.93 5.68
CA VAL B 467 -19.26 -17.55 5.80
C VAL B 467 -19.48 -18.96 6.36
N THR B 468 -19.07 -19.96 5.60
CA THR B 468 -19.40 -21.34 5.91
C THR B 468 -18.24 -22.13 6.52
N LYS B 469 -17.04 -21.56 6.44
CA LYS B 469 -15.86 -22.19 7.03
C LYS B 469 -14.81 -21.14 7.31
N SER B 470 -14.18 -21.25 8.47
CA SER B 470 -13.16 -20.27 8.84
C SER B 470 -12.10 -20.90 9.75
N TYR B 471 -11.06 -20.12 10.01
CA TYR B 471 -9.88 -20.61 10.71
C TYR B 471 -9.43 -19.61 11.76
N SER B 472 -8.97 -20.12 12.91
CA SER B 472 -8.41 -19.26 13.94
C SER B 472 -7.01 -18.85 13.52
N PHE B 473 -6.49 -17.79 14.14
CA PHE B 473 -5.15 -17.36 13.82
C PHE B 473 -4.14 -18.41 14.28
N ASP B 474 -4.50 -19.13 15.35
CA ASP B 474 -3.63 -20.21 15.82
C ASP B 474 -3.50 -21.33 14.79
N GLU B 475 -4.59 -21.71 14.15
CA GLU B 475 -4.53 -22.74 13.11
C GLU B 475 -3.75 -22.28 11.87
N ILE B 476 -3.94 -21.00 11.51
CA ILE B 476 -3.23 -20.43 10.38
C ILE B 476 -1.73 -20.46 10.62
N ARG B 477 -1.30 -20.07 11.82
CA ARG B 477 0.11 -20.14 12.18
C ARG B 477 0.64 -21.56 12.07
N LYS B 478 -0.14 -22.54 12.54
CA LYS B 478 0.30 -23.92 12.44
C LYS B 478 0.46 -24.35 10.99
N ASN B 479 -0.50 -23.97 10.14
CA ASN B 479 -0.43 -24.31 8.73
C ASN B 479 0.79 -23.70 8.04
N ALA B 480 1.20 -22.52 8.50
CA ALA B 480 2.26 -21.77 7.83
C ALA B 480 3.66 -22.04 8.38
N GLN B 481 3.78 -23.01 9.28
CA GLN B 481 5.08 -23.32 9.88
C GLN B 481 6.12 -23.70 8.83
N LEU B 482 7.39 -23.43 9.14
CA LEU B 482 8.48 -23.91 8.30
C LEU B 482 8.64 -25.40 8.52
N ASN B 483 9.12 -26.11 7.51
CA ASN B 483 9.42 -27.53 7.64
C ASN B 483 10.36 -27.78 8.81
N ILE B 484 11.37 -26.93 8.92
CA ILE B 484 12.38 -27.06 9.97
C ILE B 484 11.79 -26.87 11.37
N GLU B 485 10.73 -26.08 11.47
CA GLU B 485 9.99 -25.94 12.72
C GLU B 485 9.18 -27.20 13.01
N LEU B 486 8.62 -27.77 11.95
CA LEU B 486 7.83 -29.00 12.06
C LEU B 486 8.71 -30.17 12.54
N GLU B 487 9.88 -30.31 11.93
CA GLU B 487 10.80 -31.39 12.31
C GLU B 487 11.64 -31.00 13.53
C1 20P C . -8.85 -2.15 -14.50
C2 20P C . -9.65 -1.07 -14.87
C3 20P C . -9.81 -0.74 -16.20
C4 20P C . -9.18 -1.49 -17.19
C5 20P C . -8.38 -2.55 -16.83
C6 20P C . -8.21 -2.88 -15.48
C7 20P C . -9.33 -1.11 -18.65
C9 20P C . -10.36 -1.74 -19.58
C10 20P C . -10.56 -0.31 -19.09
C12 20P C . -10.26 0.85 -19.99
O13 20P C . -9.52 0.69 -20.96
N14 20P C . -10.84 2.04 -19.69
C15 20P C . -10.67 3.25 -20.35
C16 20P C . -10.10 3.38 -21.63
C17 20P C . -9.95 4.63 -22.18
N18 20P C . -10.34 5.70 -21.53
C19 20P C . -10.87 5.64 -20.33
C20 20P C . -11.05 4.42 -19.70
P PO4 D . 12.56 8.27 9.12
O1 PO4 D . 11.56 9.27 8.59
O2 PO4 D . 13.08 7.42 8.01
O3 PO4 D . 13.72 9.01 9.75
O4 PO4 D . 11.85 7.43 10.17
C1 EDO E . 12.31 9.25 5.30
O1 EDO E . 13.35 9.03 6.26
C2 EDO E . 12.13 8.00 4.45
O2 EDO E . 13.32 7.76 3.67
C1 EDO F . 5.19 -6.90 -19.97
O1 EDO F . 3.87 -7.27 -19.60
C2 EDO F . 5.53 -5.56 -19.32
O2 EDO F . 5.24 -5.62 -17.92
C1 EDO G . -0.34 -2.92 -13.66
O1 EDO G . -1.17 -2.12 -14.50
C2 EDO G . -1.22 -3.95 -12.97
O2 EDO G . -1.98 -3.27 -11.96
C1 EDO H . -20.48 17.31 -6.15
O1 EDO H . -20.82 16.20 -5.31
C2 EDO H . -21.04 18.60 -5.58
O2 EDO H . -20.75 19.67 -6.50
C1 EDO I . 1.25 26.63 -6.05
O1 EDO I . 1.84 25.35 -6.33
C2 EDO I . 2.23 27.49 -5.25
O2 EDO I . 3.24 28.02 -6.12
C1 EDO J . 14.57 13.55 15.80
O1 EDO J . 13.17 13.77 16.01
C2 EDO J . 15.29 14.82 15.40
O2 EDO J . 15.40 15.69 16.52
C1 EDO K . -9.22 -8.79 -17.81
O1 EDO K . -8.73 -9.95 -17.15
C2 EDO K . -8.64 -7.52 -17.23
O2 EDO K . -9.17 -6.44 -17.99
C1 EDO L . -7.30 17.48 -14.54
O1 EDO L . -7.48 18.66 -15.32
C2 EDO L . -7.31 17.86 -13.07
O2 EDO L . -6.44 18.98 -12.88
C1 20P M . 9.03 2.24 14.28
C2 20P M . 8.76 1.30 15.26
C3 20P M . 9.77 0.82 16.08
C4 20P M . 11.07 1.30 15.93
C5 20P M . 11.34 2.23 14.95
C6 20P M . 10.33 2.70 14.13
C7 20P M . 12.19 0.75 16.80
C9 20P M . 12.69 1.47 18.06
C10 20P M . 11.85 0.19 18.18
C12 20P M . 12.53 -1.12 18.51
O13 20P M . 13.72 -1.25 18.30
N14 20P M . 11.75 -2.11 19.05
C15 20P M . 12.14 -3.41 19.38
C16 20P M . 13.47 -3.82 19.51
C17 20P M . 13.75 -5.13 19.83
N18 20P M . 12.76 -6.00 19.99
C19 20P M . 11.50 -5.66 19.88
C20 20P M . 11.15 -4.35 19.56
P PO4 N . -4.32 -9.33 -14.31
O1 PO4 N . -5.35 -8.23 -14.34
O2 PO4 N . -4.43 -10.20 -15.55
O3 PO4 N . -2.94 -8.76 -14.30
O4 PO4 N . -4.56 -10.17 -13.08
C1 EDO O . 12.38 1.29 6.14
O1 EDO O . 12.63 0.47 7.29
C2 EDO O . 11.47 2.43 6.57
O2 EDO O . 10.16 1.89 6.79
C1 EDO P . 20.13 1.61 4.18
O1 EDO P . 19.15 1.85 3.16
C2 EDO P . 20.97 2.86 4.39
O2 EDO P . 20.17 3.89 5.01
C1 EDO Q . -1.14 -10.94 -12.19
O1 EDO Q . -1.46 -10.78 -13.58
C2 EDO Q . -0.25 -9.80 -11.70
O2 EDO Q . 1.02 -9.85 -12.36
C1 EDO R . -16.59 -9.64 12.13
O1 EDO R . -17.05 -9.75 10.78
C2 EDO R . -16.62 -11.01 12.78
O2 EDO R . -15.82 -11.91 12.01
C1 EDO S . 4.35 -17.52 14.47
O1 EDO S . 4.78 -18.68 13.72
C2 EDO S . 5.43 -17.20 15.49
O2 EDO S . 5.70 -18.36 16.29
C1 EDO T . -10.25 -14.06 -18.61
O1 EDO T . -11.08 -13.98 -17.45
C2 EDO T . -9.81 -15.48 -18.93
O2 EDO T . -10.92 -16.24 -19.35
C1 EDO U . 0.27 -26.89 4.60
O1 EDO U . 0.70 -25.54 4.72
C2 EDO U . 0.31 -27.33 3.14
O2 EDO U . 1.66 -27.25 2.65
C1 EDO V . 13.17 8.27 15.26
O1 EDO V . 13.12 9.29 14.29
C2 EDO V . 12.91 6.92 14.62
O2 EDO V . 12.89 5.95 15.64
#